data_1SJL
# 
_entry.id   1SJL 
# 
_audit_conform.dict_name       mmcif_pdbx.dic 
_audit_conform.dict_version    5.391 
_audit_conform.dict_location   http://mmcif.pdb.org/dictionaries/ascii/mmcif_pdbx.dic 
# 
loop_
_database_2.database_id 
_database_2.database_code 
_database_2.pdbx_database_accession 
_database_2.pdbx_DOI 
PDB   1SJL         pdb_00001sjl 10.2210/pdb1sjl/pdb 
WWPDB D_1000176391 ?            ?                   
# 
loop_
_pdbx_audit_revision_history.ordinal 
_pdbx_audit_revision_history.data_content_type 
_pdbx_audit_revision_history.major_revision 
_pdbx_audit_revision_history.minor_revision 
_pdbx_audit_revision_history.revision_date 
1 'Structure model' 1 0 1997-12-03 
2 'Structure model' 1 1 2008-03-24 
3 'Structure model' 1 2 2011-07-13 
4 'Structure model' 1 3 2014-07-30 
5 'Structure model' 1 4 2024-05-01 
# 
_pdbx_audit_revision_details.ordinal             1 
_pdbx_audit_revision_details.revision_ordinal    1 
_pdbx_audit_revision_details.data_content_type   'Structure model' 
_pdbx_audit_revision_details.provider            repository 
_pdbx_audit_revision_details.type                'Initial release' 
_pdbx_audit_revision_details.description         ? 
_pdbx_audit_revision_details.details             ? 
# 
loop_
_pdbx_audit_revision_group.ordinal 
_pdbx_audit_revision_group.revision_ordinal 
_pdbx_audit_revision_group.data_content_type 
_pdbx_audit_revision_group.group 
1 2 'Structure model' 'Version format compliance' 
2 3 'Structure model' 'Version format compliance' 
3 4 'Structure model' 'Non-polymer description'   
4 5 'Structure model' 'Data collection'           
5 5 'Structure model' 'Database references'       
6 5 'Structure model' 'Derived calculations'      
7 5 'Structure model' Other                       
# 
loop_
_pdbx_audit_revision_category.ordinal 
_pdbx_audit_revision_category.revision_ordinal 
_pdbx_audit_revision_category.data_content_type 
_pdbx_audit_revision_category.category 
1 5 'Structure model' chem_comp_atom       
2 5 'Structure model' chem_comp_bond       
3 5 'Structure model' database_2           
4 5 'Structure model' pdbx_database_status 
5 5 'Structure model' struct_conn          
# 
loop_
_pdbx_audit_revision_item.ordinal 
_pdbx_audit_revision_item.revision_ordinal 
_pdbx_audit_revision_item.data_content_type 
_pdbx_audit_revision_item.item 
1  5 'Structure model' '_database_2.pdbx_DOI'                
2  5 'Structure model' '_database_2.pdbx_database_accession' 
3  5 'Structure model' '_pdbx_database_status.process_site'  
4  5 'Structure model' '_struct_conn.pdbx_dist_value'        
5  5 'Structure model' '_struct_conn.pdbx_leaving_atom_flag' 
6  5 'Structure model' '_struct_conn.ptnr1_auth_comp_id'     
7  5 'Structure model' '_struct_conn.ptnr1_auth_seq_id'      
8  5 'Structure model' '_struct_conn.ptnr1_label_atom_id'    
9  5 'Structure model' '_struct_conn.ptnr1_label_comp_id'    
10 5 'Structure model' '_struct_conn.ptnr1_label_seq_id'     
11 5 'Structure model' '_struct_conn.ptnr2_auth_comp_id'     
12 5 'Structure model' '_struct_conn.ptnr2_auth_seq_id'      
13 5 'Structure model' '_struct_conn.ptnr2_label_atom_id'    
14 5 'Structure model' '_struct_conn.ptnr2_label_comp_id'    
15 5 'Structure model' '_struct_conn.ptnr2_label_seq_id'     
# 
_pdbx_database_status.status_code                     REL 
_pdbx_database_status.entry_id                        1SJL 
_pdbx_database_status.recvd_initial_deposition_date   1997-07-22 
_pdbx_database_status.deposit_site                    ? 
_pdbx_database_status.process_site                    BNL 
_pdbx_database_status.status_code_sf                  ? 
_pdbx_database_status.status_code_mr                  REL 
_pdbx_database_status.SG_entry                        ? 
_pdbx_database_status.status_code_cs                  ? 
_pdbx_database_status.pdb_format_compatible           Y 
_pdbx_database_status.status_code_nmr_data            ? 
_pdbx_database_status.methods_development_category    ? 
# 
_pdbx_database_related.db_name        PDB 
_pdbx_database_related.db_id          1SJK 
_pdbx_database_related.details        'MINIMIZED AVERAGE STRUCTURE' 
_pdbx_database_related.content_type   unspecified 
# 
loop_
_audit_author.name 
_audit_author.pdbx_ordinal 
'Wang, K.Y.'   1 
'Parker, S.A.' 2 
'Goljer, I.'   3 
'Bolton, P.H.' 4 
# 
_citation.id                        primary 
_citation.title                     'Solution structure of a duplex DNA with an abasic site in a dA tract.' 
_citation.journal_abbrev            Biochemistry 
_citation.journal_volume            36 
_citation.page_first                11629 
_citation.page_last                 11639 
_citation.year                      1997 
_citation.journal_id_ASTM           BICHAW 
_citation.country                   US 
_citation.journal_id_ISSN           0006-2960 
_citation.journal_id_CSD            0033 
_citation.book_publisher            ? 
_citation.pdbx_database_id_PubMed   9305952 
_citation.pdbx_database_id_DOI      10.1021/bi971464l 
# 
loop_
_citation_author.citation_id 
_citation_author.name 
_citation_author.ordinal 
_citation_author.identifier_ORCID 
primary 'Wang, K.Y.'   1 ? 
primary 'Parker, S.A.' 2 ? 
primary 'Goljer, I.'   3 ? 
primary 'Bolton, P.H.' 4 ? 
# 
loop_
_entity.id 
_entity.type 
_entity.src_method 
_entity.pdbx_description 
_entity.formula_weight 
_entity.pdbx_number_of_molecules 
_entity.pdbx_ec 
_entity.pdbx_mutation 
_entity.pdbx_fragment 
_entity.details 
1 polymer syn 
;DNA (5'-D(*CP*GP*CP*AP*AP*AP*AP*AP*TP*GP*CP*G)-3')
;
3680.432 1 ? ? ? ? 
2 polymer syn 
;DNA (5'-D(*CP*GP*CP*AP*TP*TP*(AAB)P*TP*TP*GP*CP*G)-3')
;
3536.278 1 ? ? ? ? 
# 
loop_
_entity_poly.entity_id 
_entity_poly.type 
_entity_poly.nstd_linkage 
_entity_poly.nstd_monomer 
_entity_poly.pdbx_seq_one_letter_code 
_entity_poly.pdbx_seq_one_letter_code_can 
_entity_poly.pdbx_strand_id 
_entity_poly.pdbx_target_identifier 
1 polydeoxyribonucleotide no no  '(DC)(DG)(DC)(DA)(DA)(DA)(DA)(DA)(DT)(DG)(DC)(DG)'  CGCAAAAATGCG A ? 
2 polydeoxyribonucleotide no yes '(DC)(DG)(DC)(DA)(DT)(DT)(AAB)(DT)(DT)(DG)(DC)(DG)' CGCATTXTTGCG B ? 
# 
loop_
_entity_poly_seq.entity_id 
_entity_poly_seq.num 
_entity_poly_seq.mon_id 
_entity_poly_seq.hetero 
1 1  DC  n 
1 2  DG  n 
1 3  DC  n 
1 4  DA  n 
1 5  DA  n 
1 6  DA  n 
1 7  DA  n 
1 8  DA  n 
1 9  DT  n 
1 10 DG  n 
1 11 DC  n 
1 12 DG  n 
2 1  DC  n 
2 2  DG  n 
2 3  DC  n 
2 4  DA  n 
2 5  DT  n 
2 6  DT  n 
2 7  AAB n 
2 8  DT  n 
2 9  DT  n 
2 10 DG  n 
2 11 DC  n 
2 12 DG  n 
# 
loop_
_chem_comp.id 
_chem_comp.type 
_chem_comp.mon_nstd_flag 
_chem_comp.name 
_chem_comp.pdbx_synonyms 
_chem_comp.formula 
_chem_comp.formula_weight 
AAB 'DNA linking' . "2'-DEOXY-RIBOFURANOSE-5'-MONOPHOSPHATE" 'ABASIC DEOXYRIBOSE' 'C5 H11 O7 P'     214.110 
DA  'DNA linking' y "2'-DEOXYADENOSINE-5'-MONOPHOSPHATE"     ?                    'C10 H14 N5 O6 P' 331.222 
DC  'DNA linking' y "2'-DEOXYCYTIDINE-5'-MONOPHOSPHATE"      ?                    'C9 H14 N3 O7 P'  307.197 
DG  'DNA linking' y "2'-DEOXYGUANOSINE-5'-MONOPHOSPHATE"     ?                    'C10 H14 N5 O7 P' 347.221 
DT  'DNA linking' y "THYMIDINE-5'-MONOPHOSPHATE"             ?                    'C10 H15 N2 O8 P' 322.208 
# 
loop_
_pdbx_poly_seq_scheme.asym_id 
_pdbx_poly_seq_scheme.entity_id 
_pdbx_poly_seq_scheme.seq_id 
_pdbx_poly_seq_scheme.mon_id 
_pdbx_poly_seq_scheme.ndb_seq_num 
_pdbx_poly_seq_scheme.pdb_seq_num 
_pdbx_poly_seq_scheme.auth_seq_num 
_pdbx_poly_seq_scheme.pdb_mon_id 
_pdbx_poly_seq_scheme.auth_mon_id 
_pdbx_poly_seq_scheme.pdb_strand_id 
_pdbx_poly_seq_scheme.pdb_ins_code 
_pdbx_poly_seq_scheme.hetero 
A 1 1  DC  1  1  1  DC  C   A . n 
A 1 2  DG  2  2  2  DG  G   A . n 
A 1 3  DC  3  3  3  DC  C   A . n 
A 1 4  DA  4  4  4  DA  A   A . n 
A 1 5  DA  5  5  5  DA  A   A . n 
A 1 6  DA  6  6  6  DA  A   A . n 
A 1 7  DA  7  7  7  DA  A   A . n 
A 1 8  DA  8  8  8  DA  A   A . n 
A 1 9  DT  9  9  9  DT  T   A . n 
A 1 10 DG  10 10 10 DG  G   A . n 
A 1 11 DC  11 11 11 DC  C   A . n 
A 1 12 DG  12 12 12 DG  G   A . n 
B 2 1  DC  1  13 13 DC  C   B . n 
B 2 2  DG  2  14 14 DG  G   B . n 
B 2 3  DC  3  15 15 DC  C   B . n 
B 2 4  DA  4  16 16 DA  A   B . n 
B 2 5  DT  5  17 17 DT  T   B . n 
B 2 6  DT  6  18 18 DT  T   B . n 
B 2 7  AAB 7  19 19 AAB ORP B . n 
B 2 8  DT  8  20 20 DT  T   B . n 
B 2 9  DT  9  21 21 DT  T   B . n 
B 2 10 DG  10 22 22 DG  G   B . n 
B 2 11 DC  11 23 23 DC  C   B . n 
B 2 12 DG  12 24 24 DG  G   B . n 
# 
loop_
_software.name 
_software.classification 
_software.version 
_software.citation_id 
_software.pdbx_ordinal 
X-PLOR 'model building' 3.1 ? 1 
X-PLOR refinement       3.1 ? 2 
X-PLOR phasing          3.1 ? 3 
# 
_cell.entry_id           1SJL 
_cell.length_a           1.000 
_cell.length_b           1.000 
_cell.length_c           1.000 
_cell.angle_alpha        90.00 
_cell.angle_beta         90.00 
_cell.angle_gamma        90.00 
_cell.Z_PDB              1 
_cell.pdbx_unique_axis   ? 
# 
_symmetry.entry_id                         1SJL 
_symmetry.space_group_name_H-M             'P 1' 
_symmetry.pdbx_full_space_group_name_H-M   ? 
_symmetry.cell_setting                     ? 
_symmetry.Int_Tables_number                1 
# 
_exptl.entry_id          1SJL 
_exptl.method            'SOLUTION NMR' 
_exptl.crystals_number   ? 
# 
_struct.entry_id                  1SJL 
_struct.title                     'A DUPLEX DNA WITH AN ABASIC SITE IN A DA TRACT, BETA FORM, NMR, MINIMIZED AVERAGE STRUCTURE' 
_struct.pdbx_model_details        ? 
_struct.pdbx_CASP_flag            ? 
_struct.pdbx_model_type_details   ? 
# 
_struct_keywords.entry_id        1SJL 
_struct_keywords.pdbx_keywords   DNA 
_struct_keywords.text            
'DUPLEX DNA WITH AN ABASIC SITE IN A DA TRACT, DAMAGED DNA, AT TRACT DNA, DEOXYRIBONUCLEIC ACID, DNA' 
# 
loop_
_struct_asym.id 
_struct_asym.pdbx_blank_PDB_chainid_flag 
_struct_asym.pdbx_modified 
_struct_asym.entity_id 
_struct_asym.details 
A N N 1 ? 
B N N 2 ? 
# 
loop_
_struct_ref.id 
_struct_ref.entity_id 
_struct_ref.db_name 
_struct_ref.db_code 
_struct_ref.pdbx_db_accession 
_struct_ref.pdbx_db_isoform 
_struct_ref.pdbx_seq_one_letter_code 
_struct_ref.pdbx_align_begin 
1 1 PDB 1SJL 1SJL ? ? ? 
2 2 PDB 1SJL 1SJL ? ? ? 
# 
loop_
_struct_ref_seq.align_id 
_struct_ref_seq.ref_id 
_struct_ref_seq.pdbx_PDB_id_code 
_struct_ref_seq.pdbx_strand_id 
_struct_ref_seq.seq_align_beg 
_struct_ref_seq.pdbx_seq_align_beg_ins_code 
_struct_ref_seq.seq_align_end 
_struct_ref_seq.pdbx_seq_align_end_ins_code 
_struct_ref_seq.pdbx_db_accession 
_struct_ref_seq.db_align_beg 
_struct_ref_seq.pdbx_db_align_beg_ins_code 
_struct_ref_seq.db_align_end 
_struct_ref_seq.pdbx_db_align_end_ins_code 
_struct_ref_seq.pdbx_auth_seq_align_beg 
_struct_ref_seq.pdbx_auth_seq_align_end 
1 1 1SJL A 1 ? 12 ? 1SJL 1  ? 12 ? 1  12 
2 2 1SJL B 1 ? 12 ? 1SJL 13 ? 24 ? 13 24 
# 
_pdbx_struct_assembly.id                   1 
_pdbx_struct_assembly.details              author_defined_assembly 
_pdbx_struct_assembly.method_details       ? 
_pdbx_struct_assembly.oligomeric_details   dimeric 
_pdbx_struct_assembly.oligomeric_count     2 
# 
_pdbx_struct_assembly_gen.assembly_id       1 
_pdbx_struct_assembly_gen.oper_expression   1 
_pdbx_struct_assembly_gen.asym_id_list      A,B 
# 
_pdbx_struct_oper_list.id                   1 
_pdbx_struct_oper_list.type                 'identity operation' 
_pdbx_struct_oper_list.name                 1_555 
_pdbx_struct_oper_list.symmetry_operation   x,y,z 
_pdbx_struct_oper_list.matrix[1][1]         1.0000000000 
_pdbx_struct_oper_list.matrix[1][2]         0.0000000000 
_pdbx_struct_oper_list.matrix[1][3]         0.0000000000 
_pdbx_struct_oper_list.vector[1]            0.0000000000 
_pdbx_struct_oper_list.matrix[2][1]         0.0000000000 
_pdbx_struct_oper_list.matrix[2][2]         1.0000000000 
_pdbx_struct_oper_list.matrix[2][3]         0.0000000000 
_pdbx_struct_oper_list.vector[2]            0.0000000000 
_pdbx_struct_oper_list.matrix[3][1]         0.0000000000 
_pdbx_struct_oper_list.matrix[3][2]         0.0000000000 
_pdbx_struct_oper_list.matrix[3][3]         1.0000000000 
_pdbx_struct_oper_list.vector[3]            0.0000000000 
# 
_struct_biol.id   1 
# 
loop_
_struct_conn.id 
_struct_conn.conn_type_id 
_struct_conn.pdbx_leaving_atom_flag 
_struct_conn.pdbx_PDB_id 
_struct_conn.ptnr1_label_asym_id 
_struct_conn.ptnr1_label_comp_id 
_struct_conn.ptnr1_label_seq_id 
_struct_conn.ptnr1_label_atom_id 
_struct_conn.pdbx_ptnr1_label_alt_id 
_struct_conn.pdbx_ptnr1_PDB_ins_code 
_struct_conn.pdbx_ptnr1_standard_comp_id 
_struct_conn.ptnr1_symmetry 
_struct_conn.ptnr2_label_asym_id 
_struct_conn.ptnr2_label_comp_id 
_struct_conn.ptnr2_label_seq_id 
_struct_conn.ptnr2_label_atom_id 
_struct_conn.pdbx_ptnr2_label_alt_id 
_struct_conn.pdbx_ptnr2_PDB_ins_code 
_struct_conn.ptnr1_auth_asym_id 
_struct_conn.ptnr1_auth_comp_id 
_struct_conn.ptnr1_auth_seq_id 
_struct_conn.ptnr2_auth_asym_id 
_struct_conn.ptnr2_auth_comp_id 
_struct_conn.ptnr2_auth_seq_id 
_struct_conn.ptnr2_symmetry 
_struct_conn.pdbx_ptnr3_label_atom_id 
_struct_conn.pdbx_ptnr3_label_seq_id 
_struct_conn.pdbx_ptnr3_label_comp_id 
_struct_conn.pdbx_ptnr3_label_asym_id 
_struct_conn.pdbx_ptnr3_label_alt_id 
_struct_conn.pdbx_ptnr3_PDB_ins_code 
_struct_conn.details 
_struct_conn.pdbx_dist_value 
_struct_conn.pdbx_value_order 
_struct_conn.pdbx_role 
covale1  covale one ? B DT  6  "O3'" ? ? ? 1_555 B AAB 7  P  ? ? B DT  18 B AAB 19 1_555 ? ? ? ? ? ? ?            1.622 ? ? 
covale2  covale one ? B AAB 7  "O3'" ? ? ? 1_555 B DT  8  P  ? ? B AAB 19 B DT  20 1_555 ? ? ? ? ? ? ?            1.579 ? ? 
hydrog1  hydrog ?   ? A DC  1  N3    ? ? ? 1_555 B DG  12 N1 ? ? A DC  1  B DG  24 1_555 ? ? ? ? ? ? WATSON-CRICK ?     ? ? 
hydrog2  hydrog ?   ? A DC  1  N4    ? ? ? 1_555 B DG  12 O6 ? ? A DC  1  B DG  24 1_555 ? ? ? ? ? ? WATSON-CRICK ?     ? ? 
hydrog3  hydrog ?   ? A DC  1  O2    ? ? ? 1_555 B DG  12 N2 ? ? A DC  1  B DG  24 1_555 ? ? ? ? ? ? WATSON-CRICK ?     ? ? 
hydrog4  hydrog ?   ? A DG  2  N1    ? ? ? 1_555 B DC  11 N3 ? ? A DG  2  B DC  23 1_555 ? ? ? ? ? ? WATSON-CRICK ?     ? ? 
hydrog5  hydrog ?   ? A DG  2  N2    ? ? ? 1_555 B DC  11 O2 ? ? A DG  2  B DC  23 1_555 ? ? ? ? ? ? WATSON-CRICK ?     ? ? 
hydrog6  hydrog ?   ? A DG  2  O6    ? ? ? 1_555 B DC  11 N4 ? ? A DG  2  B DC  23 1_555 ? ? ? ? ? ? WATSON-CRICK ?     ? ? 
hydrog7  hydrog ?   ? A DC  3  N3    ? ? ? 1_555 B DG  10 N1 ? ? A DC  3  B DG  22 1_555 ? ? ? ? ? ? WATSON-CRICK ?     ? ? 
hydrog8  hydrog ?   ? A DC  3  N4    ? ? ? 1_555 B DG  10 O6 ? ? A DC  3  B DG  22 1_555 ? ? ? ? ? ? WATSON-CRICK ?     ? ? 
hydrog9  hydrog ?   ? A DC  3  O2    ? ? ? 1_555 B DG  10 N2 ? ? A DC  3  B DG  22 1_555 ? ? ? ? ? ? WATSON-CRICK ?     ? ? 
hydrog10 hydrog ?   ? A DA  4  N1    ? ? ? 1_555 B DT  9  N3 ? ? A DA  4  B DT  21 1_555 ? ? ? ? ? ? WATSON-CRICK ?     ? ? 
hydrog11 hydrog ?   ? A DA  4  N6    ? ? ? 1_555 B DT  9  O4 ? ? A DA  4  B DT  21 1_555 ? ? ? ? ? ? WATSON-CRICK ?     ? ? 
hydrog12 hydrog ?   ? A DA  5  N1    ? ? ? 1_555 B DT  8  N3 ? ? A DA  5  B DT  20 1_555 ? ? ? ? ? ? WATSON-CRICK ?     ? ? 
hydrog13 hydrog ?   ? A DA  5  N6    ? ? ? 1_555 B DT  8  O4 ? ? A DA  5  B DT  20 1_555 ? ? ? ? ? ? WATSON-CRICK ?     ? ? 
hydrog14 hydrog ?   ? A DA  7  N1    ? ? ? 1_555 B DT  6  N3 ? ? A DA  7  B DT  18 1_555 ? ? ? ? ? ? WATSON-CRICK ?     ? ? 
hydrog15 hydrog ?   ? A DA  7  N6    ? ? ? 1_555 B DT  6  O4 ? ? A DA  7  B DT  18 1_555 ? ? ? ? ? ? WATSON-CRICK ?     ? ? 
hydrog16 hydrog ?   ? A DA  8  N1    ? ? ? 1_555 B DT  5  N3 ? ? A DA  8  B DT  17 1_555 ? ? ? ? ? ? WATSON-CRICK ?     ? ? 
hydrog17 hydrog ?   ? A DA  8  N6    ? ? ? 1_555 B DT  5  O4 ? ? A DA  8  B DT  17 1_555 ? ? ? ? ? ? WATSON-CRICK ?     ? ? 
hydrog18 hydrog ?   ? A DT  9  N3    ? ? ? 1_555 B DA  4  N1 ? ? A DT  9  B DA  16 1_555 ? ? ? ? ? ? WATSON-CRICK ?     ? ? 
hydrog19 hydrog ?   ? A DT  9  O4    ? ? ? 1_555 B DA  4  N6 ? ? A DT  9  B DA  16 1_555 ? ? ? ? ? ? WATSON-CRICK ?     ? ? 
hydrog20 hydrog ?   ? A DG  10 N1    ? ? ? 1_555 B DC  3  N3 ? ? A DG  10 B DC  15 1_555 ? ? ? ? ? ? WATSON-CRICK ?     ? ? 
hydrog21 hydrog ?   ? A DG  10 N2    ? ? ? 1_555 B DC  3  O2 ? ? A DG  10 B DC  15 1_555 ? ? ? ? ? ? WATSON-CRICK ?     ? ? 
hydrog22 hydrog ?   ? A DG  10 O6    ? ? ? 1_555 B DC  3  N4 ? ? A DG  10 B DC  15 1_555 ? ? ? ? ? ? WATSON-CRICK ?     ? ? 
hydrog23 hydrog ?   ? A DC  11 N3    ? ? ? 1_555 B DG  2  N1 ? ? A DC  11 B DG  14 1_555 ? ? ? ? ? ? WATSON-CRICK ?     ? ? 
hydrog24 hydrog ?   ? A DC  11 N4    ? ? ? 1_555 B DG  2  O6 ? ? A DC  11 B DG  14 1_555 ? ? ? ? ? ? WATSON-CRICK ?     ? ? 
hydrog25 hydrog ?   ? A DC  11 O2    ? ? ? 1_555 B DG  2  N2 ? ? A DC  11 B DG  14 1_555 ? ? ? ? ? ? WATSON-CRICK ?     ? ? 
hydrog26 hydrog ?   ? A DG  12 N1    ? ? ? 1_555 B DC  1  N3 ? ? A DG  12 B DC  13 1_555 ? ? ? ? ? ? WATSON-CRICK ?     ? ? 
hydrog27 hydrog ?   ? A DG  12 N2    ? ? ? 1_555 B DC  1  O2 ? ? A DG  12 B DC  13 1_555 ? ? ? ? ? ? WATSON-CRICK ?     ? ? 
hydrog28 hydrog ?   ? A DG  12 O6    ? ? ? 1_555 B DC  1  N4 ? ? A DG  12 B DC  13 1_555 ? ? ? ? ? ? WATSON-CRICK ?     ? ? 
# 
loop_
_struct_conn_type.id 
_struct_conn_type.criteria 
_struct_conn_type.reference 
covale ? ? 
hydrog ? ? 
# 
loop_
_pdbx_validate_close_contact.id 
_pdbx_validate_close_contact.PDB_model_num 
_pdbx_validate_close_contact.auth_atom_id_1 
_pdbx_validate_close_contact.auth_asym_id_1 
_pdbx_validate_close_contact.auth_comp_id_1 
_pdbx_validate_close_contact.auth_seq_id_1 
_pdbx_validate_close_contact.PDB_ins_code_1 
_pdbx_validate_close_contact.label_alt_id_1 
_pdbx_validate_close_contact.auth_atom_id_2 
_pdbx_validate_close_contact.auth_asym_id_2 
_pdbx_validate_close_contact.auth_comp_id_2 
_pdbx_validate_close_contact.auth_seq_id_2 
_pdbx_validate_close_contact.PDB_ins_code_2 
_pdbx_validate_close_contact.label_alt_id_2 
_pdbx_validate_close_contact.dist 
1 1 H61 A DA 7 ? ? O4    B DT  18 ? ? 1.53 
2 1 H61 A DA 5 ? ? O4    B DT  20 ? ? 1.54 
3 1 O4  A DT 9 ? ? H61   B DA  16 ? ? 1.55 
4 1 H61 A DA 8 ? ? O4    B DT  17 ? ? 1.55 
5 1 H61 A DA 4 ? ? O4    B DT  21 ? ? 1.55 
6 1 H61 A DA 6 ? ? "O1'" B AAB 19 ? ? 1.60 
# 
loop_
_pdbx_validate_rmsd_bond.id 
_pdbx_validate_rmsd_bond.PDB_model_num 
_pdbx_validate_rmsd_bond.auth_atom_id_1 
_pdbx_validate_rmsd_bond.auth_asym_id_1 
_pdbx_validate_rmsd_bond.auth_comp_id_1 
_pdbx_validate_rmsd_bond.auth_seq_id_1 
_pdbx_validate_rmsd_bond.PDB_ins_code_1 
_pdbx_validate_rmsd_bond.label_alt_id_1 
_pdbx_validate_rmsd_bond.auth_atom_id_2 
_pdbx_validate_rmsd_bond.auth_asym_id_2 
_pdbx_validate_rmsd_bond.auth_comp_id_2 
_pdbx_validate_rmsd_bond.auth_seq_id_2 
_pdbx_validate_rmsd_bond.PDB_ins_code_2 
_pdbx_validate_rmsd_bond.label_alt_id_2 
_pdbx_validate_rmsd_bond.bond_value 
_pdbx_validate_rmsd_bond.bond_target_value 
_pdbx_validate_rmsd_bond.bond_deviation 
_pdbx_validate_rmsd_bond.bond_standard_deviation 
_pdbx_validate_rmsd_bond.linker_flag 
1  1 "O5'" A DC 1  ? ? "C5'" A DC 1  ? ? 0.527 1.418 -0.891 0.025 N 
2  1 "C5'" A DC 1  ? ? "C4'" A DC 1  ? ? 1.417 1.509 -0.092 0.011 N 
3  1 N3    A DC 1  ? ? C4    A DC 1  ? ? 1.293 1.335 -0.042 0.007 N 
4  1 P     A DG 2  ? ? OP1   A DG 2  ? ? 1.315 1.485 -0.170 0.017 N 
5  1 P     A DG 2  ? ? OP2   A DG 2  ? ? 1.322 1.485 -0.163 0.017 N 
6  1 P     A DG 2  ? ? "O5'" A DG 2  ? ? 1.401 1.593 -0.192 0.010 N 
7  1 P     A DA 8  ? ? OP1   A DA 8  ? ? 1.339 1.485 -0.146 0.017 N 
8  1 P     A DA 8  ? ? OP2   A DA 8  ? ? 1.365 1.485 -0.120 0.017 N 
9  1 P     A DA 8  ? ? "O5'" A DA 8  ? ? 1.449 1.593 -0.144 0.010 N 
10 1 P     A DG 10 ? ? "O5'" A DG 10 ? ? 1.531 1.593 -0.062 0.010 N 
11 1 "O5'" A DG 10 ? ? "C5'" A DG 10 ? ? 1.229 1.418 -0.189 0.025 N 
12 1 "O3'" A DG 12 ? ? "C3'" A DG 12 ? ? 1.381 1.419 -0.038 0.006 N 
13 1 P     B DA 16 ? ? "O5'" B DA 16 ? ? 1.529 1.593 -0.064 0.010 N 
14 1 "C5'" B DT 21 ? ? "C4'" B DT 21 ? ? 1.442 1.509 -0.067 0.011 N 
15 1 "O3'" B DT 21 ? ? P     B DG 22 ? ? 1.459 1.607 -0.148 0.012 Y 
16 1 P     B DG 22 ? ? OP1   B DG 22 ? ? 1.076 1.485 -0.409 0.017 N 
17 1 P     B DG 22 ? ? OP2   B DG 22 ? ? 1.088 1.485 -0.397 0.017 N 
18 1 P     B DG 22 ? ? "O5'" B DG 22 ? ? 1.391 1.593 -0.202 0.010 N 
19 1 "C5'" B DG 22 ? ? "C4'" B DG 22 ? ? 1.432 1.509 -0.077 0.011 N 
20 1 "O3'" B DG 22 ? ? "C3'" B DG 22 ? ? 1.354 1.419 -0.065 0.006 N 
21 1 "O3'" B DG 22 ? ? P     B DC 23 ? ? 1.533 1.607 -0.074 0.012 Y 
# 
loop_
_pdbx_validate_rmsd_angle.id 
_pdbx_validate_rmsd_angle.PDB_model_num 
_pdbx_validate_rmsd_angle.auth_atom_id_1 
_pdbx_validate_rmsd_angle.auth_asym_id_1 
_pdbx_validate_rmsd_angle.auth_comp_id_1 
_pdbx_validate_rmsd_angle.auth_seq_id_1 
_pdbx_validate_rmsd_angle.PDB_ins_code_1 
_pdbx_validate_rmsd_angle.label_alt_id_1 
_pdbx_validate_rmsd_angle.auth_atom_id_2 
_pdbx_validate_rmsd_angle.auth_asym_id_2 
_pdbx_validate_rmsd_angle.auth_comp_id_2 
_pdbx_validate_rmsd_angle.auth_seq_id_2 
_pdbx_validate_rmsd_angle.PDB_ins_code_2 
_pdbx_validate_rmsd_angle.label_alt_id_2 
_pdbx_validate_rmsd_angle.auth_atom_id_3 
_pdbx_validate_rmsd_angle.auth_asym_id_3 
_pdbx_validate_rmsd_angle.auth_comp_id_3 
_pdbx_validate_rmsd_angle.auth_seq_id_3 
_pdbx_validate_rmsd_angle.PDB_ins_code_3 
_pdbx_validate_rmsd_angle.label_alt_id_3 
_pdbx_validate_rmsd_angle.angle_value 
_pdbx_validate_rmsd_angle.angle_target_value 
_pdbx_validate_rmsd_angle.angle_deviation 
_pdbx_validate_rmsd_angle.angle_standard_deviation 
_pdbx_validate_rmsd_angle.linker_flag 
1  1 "O5'" A DC 1  ? ? "C5'" A DC 1  ? ? "C4'" A DC 1  ? ? 141.81 111.00 30.81 2.50 N 
2  1 "O4'" A DC 1  ? ? "C4'" A DC 1  ? ? "C3'" A DC 1  ? ? 110.67 106.00 4.67  0.60 N 
3  1 "O4'" A DC 1  ? ? "C1'" A DC 1  ? ? N1    A DC 1  ? ? 110.82 108.30 2.52  0.30 N 
4  1 N1    A DC 1  ? ? C2    A DC 1  ? ? O2    A DC 1  ? ? 123.27 118.90 4.37  0.60 N 
5  1 N3    A DC 1  ? ? C2    A DC 1  ? ? O2    A DC 1  ? ? 117.13 121.90 -4.77 0.70 N 
6  1 "C3'" A DC 1  ? ? "O3'" A DC 1  ? ? P     A DG 2  ? ? 129.43 119.70 9.73  1.20 Y 
7  1 "O4'" A DG 2  ? ? "C1'" A DG 2  ? ? N9    A DG 2  ? ? 113.48 108.30 5.18  0.30 N 
8  1 "C3'" A DG 2  ? ? "O3'" A DG 2  ? ? P     A DC 3  ? ? 127.05 119.70 7.35  1.20 Y 
9  1 N1    A DC 3  ? ? C2    A DC 3  ? ? O2    A DC 3  ? ? 122.85 118.90 3.95  0.60 N 
10 1 "C3'" A DC 3  ? ? "O3'" A DC 3  ? ? P     A DA 4  ? ? 128.36 119.70 8.66  1.20 Y 
11 1 "C3'" A DA 4  ? ? "O3'" A DA 4  ? ? P     A DA 5  ? ? 130.30 119.70 10.60 1.20 Y 
12 1 "C3'" A DA 5  ? ? "O3'" A DA 5  ? ? P     A DA 6  ? ? 127.36 119.70 7.66  1.20 Y 
13 1 "O4'" A DA 6  ? ? "C1'" A DA 6  ? ? N9    A DA 6  ? ? 110.52 108.30 2.22  0.30 N 
14 1 "O4'" A DA 7  ? ? "C1'" A DA 7  ? ? N9    A DA 7  ? ? 110.79 108.30 2.49  0.30 N 
15 1 "C3'" A DA 7  ? ? "O3'" A DA 7  ? ? P     A DA 8  ? ? 128.30 119.70 8.60  1.20 Y 
16 1 P     A DA 8  ? ? "O5'" A DA 8  ? ? "C5'" A DA 8  ? ? 136.25 120.90 15.35 1.60 N 
17 1 "O4'" A DA 8  ? ? "C1'" A DA 8  ? ? N9    A DA 8  ? ? 114.44 108.30 6.14  0.30 N 
18 1 "C3'" A DA 8  ? ? "O3'" A DA 8  ? ? P     A DT 9  ? ? 128.59 119.70 8.89  1.20 Y 
19 1 "O4'" A DT 9  ? ? "C1'" A DT 9  ? ? N1    A DT 9  ? ? 110.14 108.30 1.84  0.30 N 
20 1 P     A DG 10 ? ? "O5'" A DG 10 ? ? "C5'" A DG 10 ? ? 140.70 120.90 19.80 1.60 N 
21 1 "O4'" A DG 10 ? ? "C1'" A DG 10 ? ? N9    A DG 10 ? ? 112.19 108.30 3.89  0.30 N 
22 1 "C3'" A DG 10 ? ? "O3'" A DG 10 ? ? P     A DC 11 ? ? 132.81 119.70 13.11 1.20 Y 
23 1 "O4'" A DG 12 ? ? "C1'" A DG 12 ? ? N9    A DG 12 ? ? 110.18 108.30 1.88  0.30 N 
24 1 "C3'" B DC 13 ? ? "C2'" B DC 13 ? ? "C1'" B DC 13 ? ? 109.84 102.50 7.34  1.20 N 
25 1 N1    B DC 13 ? ? C2    B DC 13 ? ? O2    B DC 13 ? ? 122.75 118.90 3.85  0.60 N 
26 1 N3    B DC 13 ? ? C2    B DC 13 ? ? O2    B DC 13 ? ? 117.32 121.90 -4.58 0.70 N 
27 1 "O4'" B DG 14 ? ? "C4'" B DG 14 ? ? "C3'" B DG 14 ? ? 110.41 106.00 4.41  0.60 N 
28 1 "O4'" B DG 14 ? ? "C1'" B DG 14 ? ? N9    B DG 14 ? ? 112.50 108.30 4.20  0.30 N 
29 1 "C3'" B DG 14 ? ? "O3'" B DG 14 ? ? P     B DC 15 ? ? 133.30 119.70 13.60 1.20 Y 
30 1 "O4'" B DC 15 ? ? "C4'" B DC 15 ? ? "C3'" B DC 15 ? ? 110.05 106.00 4.05  0.60 N 
31 1 "O4'" B DA 16 ? ? "C1'" B DA 16 ? ? N9    B DA 16 ? ? 111.27 108.30 2.97  0.30 N 
32 1 "C3'" B DA 16 ? ? "O3'" B DA 16 ? ? P     B DT 17 ? ? 128.74 119.70 9.04  1.20 Y 
33 1 "O4'" B DT 17 ? ? "C4'" B DT 17 ? ? "C3'" B DT 17 ? ? 110.65 106.00 4.65  0.60 N 
34 1 "C3'" B DT 17 ? ? "O3'" B DT 17 ? ? P     B DT 18 ? ? 127.04 119.70 7.34  1.20 Y 
35 1 "O4'" B DT 18 ? ? "C1'" B DT 18 ? ? N1    B DT 18 ? ? 110.13 108.30 1.83  0.30 N 
36 1 P     B DT 20 ? ? "O5'" B DT 20 ? ? "C5'" B DT 20 ? ? 130.74 120.90 9.84  1.60 N 
37 1 "C3'" B DT 20 ? ? "O3'" B DT 20 ? ? P     B DT 21 ? ? 128.30 119.70 8.60  1.20 Y 
38 1 "O5'" B DT 21 ? ? "C5'" B DT 21 ? ? "C4'" B DT 21 ? ? 128.85 111.00 17.85 2.50 N 
39 1 "O4'" B DT 21 ? ? "C1'" B DT 21 ? ? N1    B DT 21 ? ? 113.54 108.30 5.24  0.30 N 
40 1 "C3'" B DT 21 ? ? "O3'" B DT 21 ? ? P     B DG 22 ? ? 140.53 119.70 20.83 1.20 Y 
41 1 "O3'" B DT 21 ? ? P     B DG 22 ? ? "O5'" B DG 22 ? ? 118.39 104.00 14.39 1.90 Y 
42 1 "O5'" B DG 22 ? ? "C5'" B DG 22 ? ? "C4'" B DG 22 ? ? 128.75 111.00 17.75 2.50 N 
43 1 "O4'" B DG 22 ? ? "C4'" B DG 22 ? ? "C3'" B DG 22 ? ? 111.86 106.00 5.86  0.60 N 
44 1 "O4'" B DG 22 ? ? "C1'" B DG 22 ? ? N9    B DG 22 ? ? 111.36 108.30 3.06  0.30 N 
45 1 "C3'" B DG 22 ? ? "O3'" B DG 22 ? ? P     B DC 23 ? ? 143.60 119.70 23.90 1.20 Y 
46 1 "O4'" B DC 23 ? ? "C1'" B DC 23 ? ? N1    B DC 23 ? ? 115.83 108.30 7.53  0.30 N 
47 1 N1    B DC 23 ? ? C2    B DC 23 ? ? O2    B DC 23 ? ? 123.09 118.90 4.19  0.60 N 
48 1 "C3'" B DC 23 ? ? "O3'" B DC 23 ? ? P     B DG 24 ? ? 127.47 119.70 7.77  1.20 Y 
# 
_pdbx_nmr_ensemble.entry_id                             1SJL 
_pdbx_nmr_ensemble.conformers_calculated_total_number   6 
_pdbx_nmr_ensemble.conformers_submitted_total_number    1 
_pdbx_nmr_ensemble.conformer_selection_criteria         ? 
# 
_pdbx_nmr_details.entry_id   1SJL 
_pdbx_nmr_details.text       
;THIS IS THE AVERAGE OF SIX STRUCTURES CALCULATED AT 2PS INTERVALS FROM 70 PICOSECONDS TO 80 PICOSECONDS DURING RESTRAINED MOLECULAR DYNAMICS.
;
# 
_pdbx_nmr_software.classification   refinement 
_pdbx_nmr_software.name             X-PLOR 
_pdbx_nmr_software.version          3.1 
_pdbx_nmr_software.authors          BRUNGER 
_pdbx_nmr_software.ordinal          1 
# 
loop_
_chem_comp_atom.comp_id 
_chem_comp_atom.atom_id 
_chem_comp_atom.type_symbol 
_chem_comp_atom.pdbx_aromatic_flag 
_chem_comp_atom.pdbx_stereo_config 
_chem_comp_atom.pdbx_ordinal 
AAB P      P N N 1   
AAB O1P    O N N 2   
AAB O2P    O N N 3   
AAB O3P    O N N 4   
AAB "O5'"  O N N 5   
AAB "C5'"  C N N 6   
AAB "C4'"  C N R 7   
AAB "O4'"  O N N 8   
AAB "C1'"  C N R 9   
AAB "O1'"  O N N 10  
AAB "C2'"  C N N 11  
AAB "C3'"  C N S 12  
AAB "O3'"  O N N 13  
AAB H1P    H N N 14  
AAB H3P    H N N 15  
AAB "H5'1" H N N 16  
AAB "H5'2" H N N 17  
AAB "H4'"  H N N 18  
AAB "H1'"  H N N 19  
AAB "HO1'" H N N 20  
AAB "H2'1" H N N 21  
AAB "H2'2" H N N 22  
AAB "H3'"  H N N 23  
AAB "HO3'" H N N 24  
DA  OP3    O N N 25  
DA  P      P N N 26  
DA  OP1    O N N 27  
DA  OP2    O N N 28  
DA  "O5'"  O N N 29  
DA  "C5'"  C N N 30  
DA  "C4'"  C N R 31  
DA  "O4'"  O N N 32  
DA  "C3'"  C N S 33  
DA  "O3'"  O N N 34  
DA  "C2'"  C N N 35  
DA  "C1'"  C N R 36  
DA  N9     N Y N 37  
DA  C8     C Y N 38  
DA  N7     N Y N 39  
DA  C5     C Y N 40  
DA  C6     C Y N 41  
DA  N6     N N N 42  
DA  N1     N Y N 43  
DA  C2     C Y N 44  
DA  N3     N Y N 45  
DA  C4     C Y N 46  
DA  HOP3   H N N 47  
DA  HOP2   H N N 48  
DA  "H5'"  H N N 49  
DA  "H5''" H N N 50  
DA  "H4'"  H N N 51  
DA  "H3'"  H N N 52  
DA  "HO3'" H N N 53  
DA  "H2'"  H N N 54  
DA  "H2''" H N N 55  
DA  "H1'"  H N N 56  
DA  H8     H N N 57  
DA  H61    H N N 58  
DA  H62    H N N 59  
DA  H2     H N N 60  
DC  OP3    O N N 61  
DC  P      P N N 62  
DC  OP1    O N N 63  
DC  OP2    O N N 64  
DC  "O5'"  O N N 65  
DC  "C5'"  C N N 66  
DC  "C4'"  C N R 67  
DC  "O4'"  O N N 68  
DC  "C3'"  C N S 69  
DC  "O3'"  O N N 70  
DC  "C2'"  C N N 71  
DC  "C1'"  C N R 72  
DC  N1     N N N 73  
DC  C2     C N N 74  
DC  O2     O N N 75  
DC  N3     N N N 76  
DC  C4     C N N 77  
DC  N4     N N N 78  
DC  C5     C N N 79  
DC  C6     C N N 80  
DC  HOP3   H N N 81  
DC  HOP2   H N N 82  
DC  "H5'"  H N N 83  
DC  "H5''" H N N 84  
DC  "H4'"  H N N 85  
DC  "H3'"  H N N 86  
DC  "HO3'" H N N 87  
DC  "H2'"  H N N 88  
DC  "H2''" H N N 89  
DC  "H1'"  H N N 90  
DC  H41    H N N 91  
DC  H42    H N N 92  
DC  H5     H N N 93  
DC  H6     H N N 94  
DG  OP3    O N N 95  
DG  P      P N N 96  
DG  OP1    O N N 97  
DG  OP2    O N N 98  
DG  "O5'"  O N N 99  
DG  "C5'"  C N N 100 
DG  "C4'"  C N R 101 
DG  "O4'"  O N N 102 
DG  "C3'"  C N S 103 
DG  "O3'"  O N N 104 
DG  "C2'"  C N N 105 
DG  "C1'"  C N R 106 
DG  N9     N Y N 107 
DG  C8     C Y N 108 
DG  N7     N Y N 109 
DG  C5     C Y N 110 
DG  C6     C N N 111 
DG  O6     O N N 112 
DG  N1     N N N 113 
DG  C2     C N N 114 
DG  N2     N N N 115 
DG  N3     N N N 116 
DG  C4     C Y N 117 
DG  HOP3   H N N 118 
DG  HOP2   H N N 119 
DG  "H5'"  H N N 120 
DG  "H5''" H N N 121 
DG  "H4'"  H N N 122 
DG  "H3'"  H N N 123 
DG  "HO3'" H N N 124 
DG  "H2'"  H N N 125 
DG  "H2''" H N N 126 
DG  "H1'"  H N N 127 
DG  H8     H N N 128 
DG  H1     H N N 129 
DG  H21    H N N 130 
DG  H22    H N N 131 
DT  OP3    O N N 132 
DT  P      P N N 133 
DT  OP1    O N N 134 
DT  OP2    O N N 135 
DT  "O5'"  O N N 136 
DT  "C5'"  C N N 137 
DT  "C4'"  C N R 138 
DT  "O4'"  O N N 139 
DT  "C3'"  C N S 140 
DT  "O3'"  O N N 141 
DT  "C2'"  C N N 142 
DT  "C1'"  C N R 143 
DT  N1     N N N 144 
DT  C2     C N N 145 
DT  O2     O N N 146 
DT  N3     N N N 147 
DT  C4     C N N 148 
DT  O4     O N N 149 
DT  C5     C N N 150 
DT  C7     C N N 151 
DT  C6     C N N 152 
DT  HOP3   H N N 153 
DT  HOP2   H N N 154 
DT  "H5'"  H N N 155 
DT  "H5''" H N N 156 
DT  "H4'"  H N N 157 
DT  "H3'"  H N N 158 
DT  "HO3'" H N N 159 
DT  "H2'"  H N N 160 
DT  "H2''" H N N 161 
DT  "H1'"  H N N 162 
DT  H3     H N N 163 
DT  H71    H N N 164 
DT  H72    H N N 165 
DT  H73    H N N 166 
DT  H6     H N N 167 
# 
loop_
_chem_comp_bond.comp_id 
_chem_comp_bond.atom_id_1 
_chem_comp_bond.atom_id_2 
_chem_comp_bond.value_order 
_chem_comp_bond.pdbx_aromatic_flag 
_chem_comp_bond.pdbx_stereo_config 
_chem_comp_bond.pdbx_ordinal 
AAB P     O1P    sing N N 1   
AAB P     O2P    doub N N 2   
AAB P     O3P    sing N N 3   
AAB P     "O5'"  sing N N 4   
AAB O1P   H1P    sing N N 5   
AAB O3P   H3P    sing N N 6   
AAB "O5'" "C5'"  sing N N 7   
AAB "C5'" "C4'"  sing N N 8   
AAB "C5'" "H5'1" sing N N 9   
AAB "C5'" "H5'2" sing N N 10  
AAB "C4'" "O4'"  sing N N 11  
AAB "C4'" "C3'"  sing N N 12  
AAB "C4'" "H4'"  sing N N 13  
AAB "O4'" "C1'"  sing N N 14  
AAB "C1'" "O1'"  sing N N 15  
AAB "C1'" "C2'"  sing N N 16  
AAB "C1'" "H1'"  sing N N 17  
AAB "O1'" "HO1'" sing N N 18  
AAB "C2'" "C3'"  sing N N 19  
AAB "C2'" "H2'1" sing N N 20  
AAB "C2'" "H2'2" sing N N 21  
AAB "C3'" "O3'"  sing N N 22  
AAB "C3'" "H3'"  sing N N 23  
AAB "O3'" "HO3'" sing N N 24  
DA  OP3   P      sing N N 25  
DA  OP3   HOP3   sing N N 26  
DA  P     OP1    doub N N 27  
DA  P     OP2    sing N N 28  
DA  P     "O5'"  sing N N 29  
DA  OP2   HOP2   sing N N 30  
DA  "O5'" "C5'"  sing N N 31  
DA  "C5'" "C4'"  sing N N 32  
DA  "C5'" "H5'"  sing N N 33  
DA  "C5'" "H5''" sing N N 34  
DA  "C4'" "O4'"  sing N N 35  
DA  "C4'" "C3'"  sing N N 36  
DA  "C4'" "H4'"  sing N N 37  
DA  "O4'" "C1'"  sing N N 38  
DA  "C3'" "O3'"  sing N N 39  
DA  "C3'" "C2'"  sing N N 40  
DA  "C3'" "H3'"  sing N N 41  
DA  "O3'" "HO3'" sing N N 42  
DA  "C2'" "C1'"  sing N N 43  
DA  "C2'" "H2'"  sing N N 44  
DA  "C2'" "H2''" sing N N 45  
DA  "C1'" N9     sing N N 46  
DA  "C1'" "H1'"  sing N N 47  
DA  N9    C8     sing Y N 48  
DA  N9    C4     sing Y N 49  
DA  C8    N7     doub Y N 50  
DA  C8    H8     sing N N 51  
DA  N7    C5     sing Y N 52  
DA  C5    C6     sing Y N 53  
DA  C5    C4     doub Y N 54  
DA  C6    N6     sing N N 55  
DA  C6    N1     doub Y N 56  
DA  N6    H61    sing N N 57  
DA  N6    H62    sing N N 58  
DA  N1    C2     sing Y N 59  
DA  C2    N3     doub Y N 60  
DA  C2    H2     sing N N 61  
DA  N3    C4     sing Y N 62  
DC  OP3   P      sing N N 63  
DC  OP3   HOP3   sing N N 64  
DC  P     OP1    doub N N 65  
DC  P     OP2    sing N N 66  
DC  P     "O5'"  sing N N 67  
DC  OP2   HOP2   sing N N 68  
DC  "O5'" "C5'"  sing N N 69  
DC  "C5'" "C4'"  sing N N 70  
DC  "C5'" "H5'"  sing N N 71  
DC  "C5'" "H5''" sing N N 72  
DC  "C4'" "O4'"  sing N N 73  
DC  "C4'" "C3'"  sing N N 74  
DC  "C4'" "H4'"  sing N N 75  
DC  "O4'" "C1'"  sing N N 76  
DC  "C3'" "O3'"  sing N N 77  
DC  "C3'" "C2'"  sing N N 78  
DC  "C3'" "H3'"  sing N N 79  
DC  "O3'" "HO3'" sing N N 80  
DC  "C2'" "C1'"  sing N N 81  
DC  "C2'" "H2'"  sing N N 82  
DC  "C2'" "H2''" sing N N 83  
DC  "C1'" N1     sing N N 84  
DC  "C1'" "H1'"  sing N N 85  
DC  N1    C2     sing N N 86  
DC  N1    C6     sing N N 87  
DC  C2    O2     doub N N 88  
DC  C2    N3     sing N N 89  
DC  N3    C4     doub N N 90  
DC  C4    N4     sing N N 91  
DC  C4    C5     sing N N 92  
DC  N4    H41    sing N N 93  
DC  N4    H42    sing N N 94  
DC  C5    C6     doub N N 95  
DC  C5    H5     sing N N 96  
DC  C6    H6     sing N N 97  
DG  OP3   P      sing N N 98  
DG  OP3   HOP3   sing N N 99  
DG  P     OP1    doub N N 100 
DG  P     OP2    sing N N 101 
DG  P     "O5'"  sing N N 102 
DG  OP2   HOP2   sing N N 103 
DG  "O5'" "C5'"  sing N N 104 
DG  "C5'" "C4'"  sing N N 105 
DG  "C5'" "H5'"  sing N N 106 
DG  "C5'" "H5''" sing N N 107 
DG  "C4'" "O4'"  sing N N 108 
DG  "C4'" "C3'"  sing N N 109 
DG  "C4'" "H4'"  sing N N 110 
DG  "O4'" "C1'"  sing N N 111 
DG  "C3'" "O3'"  sing N N 112 
DG  "C3'" "C2'"  sing N N 113 
DG  "C3'" "H3'"  sing N N 114 
DG  "O3'" "HO3'" sing N N 115 
DG  "C2'" "C1'"  sing N N 116 
DG  "C2'" "H2'"  sing N N 117 
DG  "C2'" "H2''" sing N N 118 
DG  "C1'" N9     sing N N 119 
DG  "C1'" "H1'"  sing N N 120 
DG  N9    C8     sing Y N 121 
DG  N9    C4     sing Y N 122 
DG  C8    N7     doub Y N 123 
DG  C8    H8     sing N N 124 
DG  N7    C5     sing Y N 125 
DG  C5    C6     sing N N 126 
DG  C5    C4     doub Y N 127 
DG  C6    O6     doub N N 128 
DG  C6    N1     sing N N 129 
DG  N1    C2     sing N N 130 
DG  N1    H1     sing N N 131 
DG  C2    N2     sing N N 132 
DG  C2    N3     doub N N 133 
DG  N2    H21    sing N N 134 
DG  N2    H22    sing N N 135 
DG  N3    C4     sing N N 136 
DT  OP3   P      sing N N 137 
DT  OP3   HOP3   sing N N 138 
DT  P     OP1    doub N N 139 
DT  P     OP2    sing N N 140 
DT  P     "O5'"  sing N N 141 
DT  OP2   HOP2   sing N N 142 
DT  "O5'" "C5'"  sing N N 143 
DT  "C5'" "C4'"  sing N N 144 
DT  "C5'" "H5'"  sing N N 145 
DT  "C5'" "H5''" sing N N 146 
DT  "C4'" "O4'"  sing N N 147 
DT  "C4'" "C3'"  sing N N 148 
DT  "C4'" "H4'"  sing N N 149 
DT  "O4'" "C1'"  sing N N 150 
DT  "C3'" "O3'"  sing N N 151 
DT  "C3'" "C2'"  sing N N 152 
DT  "C3'" "H3'"  sing N N 153 
DT  "O3'" "HO3'" sing N N 154 
DT  "C2'" "C1'"  sing N N 155 
DT  "C2'" "H2'"  sing N N 156 
DT  "C2'" "H2''" sing N N 157 
DT  "C1'" N1     sing N N 158 
DT  "C1'" "H1'"  sing N N 159 
DT  N1    C2     sing N N 160 
DT  N1    C6     sing N N 161 
DT  C2    O2     doub N N 162 
DT  C2    N3     sing N N 163 
DT  N3    C4     sing N N 164 
DT  N3    H3     sing N N 165 
DT  C4    O4     doub N N 166 
DT  C4    C5     sing N N 167 
DT  C5    C7     sing N N 168 
DT  C5    C6     doub N N 169 
DT  C7    H71    sing N N 170 
DT  C7    H72    sing N N 171 
DT  C7    H73    sing N N 172 
DT  C6    H6     sing N N 173 
# 
loop_
_ndb_struct_conf_na.entry_id 
_ndb_struct_conf_na.feature 
1SJL 'double helix'         
1SJL 'b-form double helix'  
1SJL 'mismatched base pair' 
# 
loop_
_ndb_struct_na_base_pair.model_number 
_ndb_struct_na_base_pair.i_label_asym_id 
_ndb_struct_na_base_pair.i_label_comp_id 
_ndb_struct_na_base_pair.i_label_seq_id 
_ndb_struct_na_base_pair.i_symmetry 
_ndb_struct_na_base_pair.j_label_asym_id 
_ndb_struct_na_base_pair.j_label_comp_id 
_ndb_struct_na_base_pair.j_label_seq_id 
_ndb_struct_na_base_pair.j_symmetry 
_ndb_struct_na_base_pair.shear 
_ndb_struct_na_base_pair.stretch 
_ndb_struct_na_base_pair.stagger 
_ndb_struct_na_base_pair.buckle 
_ndb_struct_na_base_pair.propeller 
_ndb_struct_na_base_pair.opening 
_ndb_struct_na_base_pair.pair_number 
_ndb_struct_na_base_pair.pair_name 
_ndb_struct_na_base_pair.i_auth_asym_id 
_ndb_struct_na_base_pair.i_auth_seq_id 
_ndb_struct_na_base_pair.i_PDB_ins_code 
_ndb_struct_na_base_pair.j_auth_asym_id 
_ndb_struct_na_base_pair.j_auth_seq_id 
_ndb_struct_na_base_pair.j_PDB_ins_code 
_ndb_struct_na_base_pair.hbond_type_28 
_ndb_struct_na_base_pair.hbond_type_12 
1 A DC 1  1_555 B DG 12 1_555 0.152  -0.489 0.541  9.470   -25.508 -10.790 1  A_DC1:DG24_B  A 1  ? B 24 ? 19 1 
1 A DG 2  1_555 B DC 11 1_555 -0.446 -0.290 0.214  -0.287  -3.737  -2.054  2  A_DG2:DC23_B  A 2  ? B 23 ? 19 1 
1 A DC 3  1_555 B DG 10 1_555 0.409  -0.358 0.411  -4.222  -12.441 -5.448  3  A_DC3:DG22_B  A 3  ? B 22 ? 19 1 
1 A DA 4  1_555 B DT 9  1_555 0.234  -0.181 -0.346 0.459   -18.608 -9.877  4  A_DA4:DT21_B  A 4  ? B 21 ? 20 1 
1 A DA 5  1_555 B DT 8  1_555 0.147  -0.280 0.347  11.583  -27.672 -16.063 5  A_DA5:DT20_B  A 5  ? B 20 ? 20 1 
1 A DA 7  1_555 B DT 6  1_555 0.282  -0.200 -0.355 -8.169  -38.550 -14.140 6  A_DA7:DT18_B  A 7  ? B 18 ? 20 1 
1 A DA 8  1_555 B DT 5  1_555 0.107  -0.210 0.004  -9.862  -21.905 -11.175 7  A_DA8:DT17_B  A 8  ? B 17 ? 20 1 
1 A DT 9  1_555 B DA 4  1_555 -0.210 -0.207 -0.087 -14.791 -15.317 -9.470  8  A_DT9:DA16_B  A 9  ? B 16 ? 20 1 
1 A DG 10 1_555 B DC 3  1_555 -0.455 -0.295 0.484  7.852   -1.575  -3.121  9  A_DG10:DC15_B A 10 ? B 15 ? 19 1 
1 A DC 11 1_555 B DG 2  1_555 0.485  -0.285 0.461  -5.645  -2.515  -1.928  10 A_DC11:DG14_B A 11 ? B 14 ? 19 1 
1 A DG 12 1_555 B DC 1  1_555 -0.462 -0.291 0.776  25.683  -7.402  -3.760  11 A_DG12:DC13_B A 12 ? B 13 ? 19 1 
# 
loop_
_ndb_struct_na_base_pair_step.model_number 
_ndb_struct_na_base_pair_step.i_label_asym_id_1 
_ndb_struct_na_base_pair_step.i_label_comp_id_1 
_ndb_struct_na_base_pair_step.i_label_seq_id_1 
_ndb_struct_na_base_pair_step.i_symmetry_1 
_ndb_struct_na_base_pair_step.j_label_asym_id_1 
_ndb_struct_na_base_pair_step.j_label_comp_id_1 
_ndb_struct_na_base_pair_step.j_label_seq_id_1 
_ndb_struct_na_base_pair_step.j_symmetry_1 
_ndb_struct_na_base_pair_step.i_label_asym_id_2 
_ndb_struct_na_base_pair_step.i_label_comp_id_2 
_ndb_struct_na_base_pair_step.i_label_seq_id_2 
_ndb_struct_na_base_pair_step.i_symmetry_2 
_ndb_struct_na_base_pair_step.j_label_asym_id_2 
_ndb_struct_na_base_pair_step.j_label_comp_id_2 
_ndb_struct_na_base_pair_step.j_label_seq_id_2 
_ndb_struct_na_base_pair_step.j_symmetry_2 
_ndb_struct_na_base_pair_step.shift 
_ndb_struct_na_base_pair_step.slide 
_ndb_struct_na_base_pair_step.rise 
_ndb_struct_na_base_pair_step.tilt 
_ndb_struct_na_base_pair_step.roll 
_ndb_struct_na_base_pair_step.twist 
_ndb_struct_na_base_pair_step.x_displacement 
_ndb_struct_na_base_pair_step.y_displacement 
_ndb_struct_na_base_pair_step.helical_rise 
_ndb_struct_na_base_pair_step.inclination 
_ndb_struct_na_base_pair_step.tip 
_ndb_struct_na_base_pair_step.helical_twist 
_ndb_struct_na_base_pair_step.step_number 
_ndb_struct_na_base_pair_step.step_name 
_ndb_struct_na_base_pair_step.i_auth_asym_id_1 
_ndb_struct_na_base_pair_step.i_auth_seq_id_1 
_ndb_struct_na_base_pair_step.i_PDB_ins_code_1 
_ndb_struct_na_base_pair_step.j_auth_asym_id_1 
_ndb_struct_na_base_pair_step.j_auth_seq_id_1 
_ndb_struct_na_base_pair_step.j_PDB_ins_code_1 
_ndb_struct_na_base_pair_step.i_auth_asym_id_2 
_ndb_struct_na_base_pair_step.i_auth_seq_id_2 
_ndb_struct_na_base_pair_step.i_PDB_ins_code_2 
_ndb_struct_na_base_pair_step.j_auth_asym_id_2 
_ndb_struct_na_base_pair_step.j_auth_seq_id_2 
_ndb_struct_na_base_pair_step.j_PDB_ins_code_2 
1 A DC 1  1_555 B DG 12 1_555 A DG 2  1_555 B DC 11 1_555 2.311  0.784  3.752 11.193 -23.351 45.058 2.783 -1.751 3.440 -27.922 
-13.385 51.631 1 AA_DC1DG2:DC23DG24_BB   A 1  ? B 24 ? A 2  ? B 23 ? 
1 A DG 2  1_555 B DC 11 1_555 A DC 3  1_555 B DG 10 1_555 -1.903 -0.966 3.725 -3.660 -20.025 33.233 1.622 2.300  3.863 -31.599 
5.776   38.822 2 AA_DG2DC3:DG22DC23_BB   A 2  ? B 23 ? A 3  ? B 22 ? 
1 A DC 3  1_555 B DG 10 1_555 A DA 4  1_555 B DT 9  1_555 -0.448 2.520  3.085 4.362  -3.799  43.263 3.721 0.982  2.808 -5.125  
-5.885  43.629 3 AA_DC3DA4:DT21DG22_BB   A 3  ? B 22 ? A 4  ? B 21 ? 
1 A DA 4  1_555 B DT 9  1_555 A DA 5  1_555 B DT 8  1_555 -0.466 0.028  2.777 -4.640 -11.739 32.608 1.576 0.173  2.651 -19.997 
7.904   34.904 4 AA_DA4DA5:DT20DT21_BB   A 4  ? B 21 ? A 5  ? B 20 ? 
1 A DA 7  1_555 B DT 6  1_555 A DA 8  1_555 B DT 5  1_555 0.936  0.574  3.018 1.868  -7.006  36.593 1.747 -1.238 2.905 -11.026 
-2.940  37.280 5 AA_DA7DA8:DT17DT18_BB   A 7  ? B 18 ? A 8  ? B 17 ? 
1 A DA 8  1_555 B DT 5  1_555 A DT 9  1_555 B DA 4  1_555 -0.132 -0.590 3.299 0.487  -7.640  39.348 0.035 0.249  3.350 -11.217 
-0.715  40.057 6 AA_DA8DT9:DA16DT17_BB   A 8  ? B 17 ? A 9  ? B 16 ? 
1 A DT 9  1_555 B DA 4  1_555 A DG 10 1_555 B DC 3  1_555 0.148  0.626  2.833 -4.486 -2.037  26.859 1.762 -1.271 2.719 -4.340  
9.556   27.299 7 AA_DT9DG10:DC15DA16_BB  A 9  ? B 16 ? A 10 ? B 15 ? 
1 A DG 10 1_555 B DC 3  1_555 A DC 11 1_555 B DG 2  1_555 0.097  -0.538 3.881 1.096  -13.367 49.813 0.486 -0.021 3.896 -15.548 
-1.275  51.475 8 AA_DG10DC11:DG14DC15_BB A 10 ? B 15 ? A 11 ? B 14 ? 
1 A DC 11 1_555 B DG 2  1_555 A DG 12 1_555 B DC 1  1_555 -0.354 0.467  2.436 -1.663 -3.358  21.239 2.242 0.455  2.355 -9.021  
4.467   21.563 9 AA_DC11DG12:DC13DG14_BB A 11 ? B 14 ? A 12 ? B 13 ? 
# 
_atom_sites.entry_id                    1SJL 
_atom_sites.fract_transf_matrix[1][1]   1.000000 
_atom_sites.fract_transf_matrix[1][2]   0.000000 
_atom_sites.fract_transf_matrix[1][3]   0.000000 
_atom_sites.fract_transf_matrix[2][1]   0.000000 
_atom_sites.fract_transf_matrix[2][2]   1.000000 
_atom_sites.fract_transf_matrix[2][3]   0.000000 
_atom_sites.fract_transf_matrix[3][1]   0.000000 
_atom_sites.fract_transf_matrix[3][2]   0.000000 
_atom_sites.fract_transf_matrix[3][3]   1.000000 
_atom_sites.fract_transf_vector[1]      0.00000 
_atom_sites.fract_transf_vector[2]      0.00000 
_atom_sites.fract_transf_vector[3]      0.00000 
# 
loop_
_atom_type.symbol 
C 
H 
N 
O 
P 
# 
loop_
_atom_site.group_PDB 
_atom_site.id 
_atom_site.type_symbol 
_atom_site.label_atom_id 
_atom_site.label_alt_id 
_atom_site.label_comp_id 
_atom_site.label_asym_id 
_atom_site.label_entity_id 
_atom_site.label_seq_id 
_atom_site.pdbx_PDB_ins_code 
_atom_site.Cartn_x 
_atom_site.Cartn_y 
_atom_site.Cartn_z 
_atom_site.occupancy 
_atom_site.B_iso_or_equiv 
_atom_site.pdbx_formal_charge 
_atom_site.auth_seq_id 
_atom_site.auth_comp_id 
_atom_site.auth_asym_id 
_atom_site.auth_atom_id 
_atom_site.pdbx_PDB_model_num 
ATOM   1   O "O5'"  . DC  A 1 1  ? 2.867   -14.662 -18.815 1.00 0.00 ? 1  DC  A "O5'"  1 
ATOM   2   C "C5'"  . DC  A 1 1  ? 3.201   -14.256 -18.771 1.00 0.00 ? 1  DC  A "C5'"  1 
ATOM   3   C "C4'"  . DC  A 1 1  ? 3.494   -13.138 -17.952 1.00 0.00 ? 1  DC  A "C4'"  1 
ATOM   4   O "O4'"  . DC  A 1 1  ? 2.318   -12.419 -17.641 1.00 0.00 ? 1  DC  A "O4'"  1 
ATOM   5   C "C3'"  . DC  A 1 1  ? 4.215   -13.504 -16.728 1.00 0.00 ? 1  DC  A "C3'"  1 
ATOM   6   O "O3'"  . DC  A 1 1  ? 5.611   -13.224 -16.770 1.00 0.00 ? 1  DC  A "O3'"  1 
ATOM   7   C "C2'"  . DC  A 1 1  ? 3.471   -12.730 -15.698 1.00 0.00 ? 1  DC  A "C2'"  1 
ATOM   8   C "C1'"  . DC  A 1 1  ? 2.414   -11.911 -16.362 1.00 0.00 ? 1  DC  A "C1'"  1 
ATOM   9   N N1     . DC  A 1 1  ? 1.094   -11.927 -15.688 1.00 0.00 ? 1  DC  A N1     1 
ATOM   10  C C2     . DC  A 1 1  ? 0.543   -10.710 -15.314 1.00 0.00 ? 1  DC  A C2     1 
ATOM   11  O O2     . DC  A 1 1  ? 1.101   -9.660  -15.470 1.00 0.00 ? 1  DC  A O2     1 
ATOM   12  N N3     . DC  A 1 1  ? -0.657  -10.682 -14.717 1.00 0.00 ? 1  DC  A N3     1 
ATOM   13  C C4     . DC  A 1 1  ? -1.314  -11.769 -14.474 1.00 0.00 ? 1  DC  A C4     1 
ATOM   14  N N4     . DC  A 1 1  ? -2.495  -11.631 -13.894 1.00 0.00 ? 1  DC  A N4     1 
ATOM   15  C C5     . DC  A 1 1  ? -0.774  -13.008 -14.825 1.00 0.00 ? 1  DC  A C5     1 
ATOM   16  C C6     . DC  A 1 1  ? 0.415   -13.049 -15.427 1.00 0.00 ? 1  DC  A C6     1 
ATOM   17  H "H5'"  . DC  A 1 1  ? 3.011   -14.400 -19.219 1.00 0.00 ? 1  DC  A "H5'"  1 
ATOM   18  H "H5''" . DC  A 1 1  ? 3.351   -14.581 -18.943 1.00 0.00 ? 1  DC  A "H5''" 1 
ATOM   19  H "H4'"  . DC  A 1 1  ? 4.103   -12.518 -18.500 1.00 0.00 ? 1  DC  A "H4'"  1 
ATOM   20  H "H3'"  . DC  A 1 1  ? 4.157   -14.513 -16.613 1.00 0.00 ? 1  DC  A "H3'"  1 
ATOM   21  H "H2'"  . DC  A 1 1  ? 3.039   -13.366 -14.982 1.00 0.00 ? 1  DC  A "H2'"  1 
ATOM   22  H "H2''" . DC  A 1 1  ? 4.158   -12.122 -15.185 1.00 0.00 ? 1  DC  A "H2''" 1 
ATOM   23  H "H1'"  . DC  A 1 1  ? 2.726   -10.923 -16.441 1.00 0.00 ? 1  DC  A "H1'"  1 
ATOM   24  H H41    . DC  A 1 1  ? -3.071  -10.938 -14.033 1.00 0.00 ? 1  DC  A H41    1 
ATOM   25  H H42    . DC  A 1 1  ? -2.808  -12.232 -13.319 1.00 0.00 ? 1  DC  A H42    1 
ATOM   26  H H5     . DC  A 1 1  ? -1.322  -13.897 -14.625 1.00 0.00 ? 1  DC  A H5     1 
ATOM   27  H H6     . DC  A 1 1  ? 0.828   -14.006 -15.679 1.00 0.00 ? 1  DC  A H6     1 
ATOM   28  H "HO5'" . DC  A 1 1  ? 2.888   -14.019 -18.546 1.00 0.00 ? 1  DC  A "HO5'" 1 
ATOM   29  P P      . DG  A 1 2  ? 6.350   -11.840 -16.904 1.00 0.00 ? 2  DG  A P      1 
ATOM   30  O OP1    . DG  A 1 2  ? 5.943   -11.210 -17.984 1.00 0.00 ? 2  DG  A OP1    1 
ATOM   31  O OP2    . DG  A 1 2  ? 7.649   -12.048 -16.774 1.00 0.00 ? 2  DG  A OP2    1 
ATOM   32  O "O5'"  . DG  A 1 2  ? 5.911   -11.040 -15.840 1.00 0.00 ? 2  DG  A "O5'"  1 
ATOM   33  C "C5'"  . DG  A 1 2  ? 6.129   -9.704  -15.674 1.00 0.00 ? 2  DG  A "C5'"  1 
ATOM   34  C "C4'"  . DG  A 1 2  ? 5.368   -8.999  -14.661 1.00 0.00 ? 2  DG  A "C4'"  1 
ATOM   35  O "O4'"  . DG  A 1 2  ? 4.182   -9.701  -14.296 1.00 0.00 ? 2  DG  A "O4'"  1 
ATOM   36  C "C3'"  . DG  A 1 2  ? 6.151   -8.779  -13.408 1.00 0.00 ? 2  DG  A "C3'"  1 
ATOM   37  O "O3'"  . DG  A 1 2  ? 6.439   -7.400  -13.165 1.00 0.00 ? 2  DG  A "O3'"  1 
ATOM   38  C "C2'"  . DG  A 1 2  ? 5.268   -9.415  -12.362 1.00 0.00 ? 2  DG  A "C2'"  1 
ATOM   39  C "C1'"  . DG  A 1 2  ? 3.906   -9.533  -12.968 1.00 0.00 ? 2  DG  A "C1'"  1 
ATOM   40  N N9     . DG  A 1 2  ? 3.103   -10.605 -12.404 1.00 0.00 ? 2  DG  A N9     1 
ATOM   41  C C8     . DG  A 1 2  ? 3.450   -11.895 -12.204 1.00 0.00 ? 2  DG  A C8     1 
ATOM   42  N N7     . DG  A 1 2  ? 2.464   -12.602 -11.697 1.00 0.00 ? 2  DG  A N7     1 
ATOM   43  C C5     . DG  A 1 2  ? 1.430   -11.715 -11.545 1.00 0.00 ? 2  DG  A C5     1 
ATOM   44  C C6     . DG  A 1 2  ? 0.144   -11.908 -10.970 1.00 0.00 ? 2  DG  A C6     1 
ATOM   45  O O6     . DG  A 1 2  ? -0.349  -12.934 -10.541 1.00 0.00 ? 2  DG  A O6     1 
ATOM   46  N N1     . DG  A 1 2  ? -0.560  -10.752 -10.936 1.00 0.00 ? 2  DG  A N1     1 
ATOM   47  C C2     . DG  A 1 2  ? -0.106  -9.552  -11.387 1.00 0.00 ? 2  DG  A C2     1 
ATOM   48  N N2     . DG  A 1 2  ? -0.893  -8.524  -11.295 1.00 0.00 ? 2  DG  A N2     1 
ATOM   49  N N3     . DG  A 1 2  ? 1.101   -9.373  -11.922 1.00 0.00 ? 2  DG  A N3     1 
ATOM   50  C C4     . DG  A 1 2  ? 1.807   -10.492 -11.974 1.00 0.00 ? 2  DG  A C4     1 
ATOM   51  H "H5'"  . DG  A 1 2  ? 5.901   -9.351  -16.549 1.00 0.00 ? 2  DG  A "H5'"  1 
ATOM   52  H "H5''" . DG  A 1 2  ? 7.061   -9.533  -15.543 1.00 0.00 ? 2  DG  A "H5''" 1 
ATOM   53  H "H4'"  . DG  A 1 2  ? 5.115   -8.058  -15.027 1.00 0.00 ? 2  DG  A "H4'"  1 
ATOM   54  H "H3'"  . DG  A 1 2  ? 7.088   -9.263  -13.530 1.00 0.00 ? 2  DG  A "H3'"  1 
ATOM   55  H "H2'"  . DG  A 1 2  ? 5.602   -10.380 -12.072 1.00 0.00 ? 2  DG  A "H2'"  1 
ATOM   56  H "H2''" . DG  A 1 2  ? 5.251   -8.799  -11.478 1.00 0.00 ? 2  DG  A "H2''" 1 
ATOM   57  H "H1'"  . DG  A 1 2  ? 3.408   -8.613  -12.831 1.00 0.00 ? 2  DG  A "H1'"  1 
ATOM   58  H H8     . DG  A 1 2  ? 4.423   -12.288 -12.449 1.00 0.00 ? 2  DG  A H8     1 
ATOM   59  H H1     . DG  A 1 2  ? -1.483  -10.797 -10.552 1.00 0.00 ? 2  DG  A H1     1 
ATOM   60  H H21    . DG  A 1 2  ? -1.794  -8.579  -10.863 1.00 0.00 ? 2  DG  A H21    1 
ATOM   61  H H22    . DG  A 1 2  ? -0.536  -7.663  -11.672 1.00 0.00 ? 2  DG  A H22    1 
ATOM   62  P P      . DC  A 1 3  ? 5.433   -6.285  -12.562 1.00 0.00 ? 3  DC  A P      1 
ATOM   63  O OP1    . DC  A 1 3  ? 6.020   -4.988  -12.869 1.00 0.00 ? 3  DC  A OP1    1 
ATOM   64  O OP2    . DC  A 1 3  ? 5.135   -6.641  -11.179 1.00 0.00 ? 3  DC  A OP2    1 
ATOM   65  O "O5'"  . DC  A 1 3  ? 4.088   -6.450  -13.383 1.00 0.00 ? 3  DC  A "O5'"  1 
ATOM   66  C "C5'"  . DC  A 1 3  ? 3.357   -5.369  -14.011 1.00 0.00 ? 3  DC  A "C5'"  1 
ATOM   67  C "C4'"  . DC  A 1 3  ? 2.279   -4.782  -13.158 1.00 0.00 ? 3  DC  A "C4'"  1 
ATOM   68  O "O4'"  . DC  A 1 3  ? 1.624   -5.756  -12.345 1.00 0.00 ? 3  DC  A "O4'"  1 
ATOM   69  C "C3'"  . DC  A 1 3  ? 2.733   -3.644  -12.248 1.00 0.00 ? 3  DC  A "C3'"  1 
ATOM   70  O "O3'"  . DC  A 1 3  ? 1.922   -2.521  -12.526 1.00 0.00 ? 3  DC  A "O3'"  1 
ATOM   71  C "C2'"  . DC  A 1 3  ? 2.448   -4.150  -10.862 1.00 0.00 ? 3  DC  A "C2'"  1 
ATOM   72  C "C1'"  . DC  A 1 3  ? 1.411   -5.260  -11.078 1.00 0.00 ? 3  DC  A "C1'"  1 
ATOM   73  N N1     . DC  A 1 3  ? 1.440   -6.366  -10.111 1.00 0.00 ? 3  DC  A N1     1 
ATOM   74  C C2     . DC  A 1 3  ? 0.284   -6.698  -9.444  1.00 0.00 ? 3  DC  A C2     1 
ATOM   75  O O2     . DC  A 1 3  ? -0.761  -6.092  -9.591  1.00 0.00 ? 3  DC  A O2     1 
ATOM   76  N N3     . DC  A 1 3  ? 0.303   -7.748  -8.605  1.00 0.00 ? 3  DC  A N3     1 
ATOM   77  C C4     . DC  A 1 3  ? 1.420   -8.447  -8.440  1.00 0.00 ? 3  DC  A C4     1 
ATOM   78  N N4     . DC  A 1 3  ? 1.389   -9.506  -7.646  1.00 0.00 ? 3  DC  A N4     1 
ATOM   79  C C5     . DC  A 1 3  ? 2.599   -8.114  -9.112  1.00 0.00 ? 3  DC  A C5     1 
ATOM   80  C C6     . DC  A 1 3  ? 2.570   -7.055  -9.945  1.00 0.00 ? 3  DC  A C6     1 
ATOM   81  H "H5'"  . DC  A 1 3  ? 2.912   -5.732  -14.889 1.00 0.00 ? 3  DC  A "H5'"  1 
ATOM   82  H "H5''" . DC  A 1 3  ? 4.011   -4.595  -14.295 1.00 0.00 ? 3  DC  A "H5''" 1 
ATOM   83  H "H4'"  . DC  A 1 3  ? 1.533   -4.371  -13.824 1.00 0.00 ? 3  DC  A "H4'"  1 
ATOM   84  H "H3'"  . DC  A 1 3  ? 3.768   -3.414  -12.384 1.00 0.00 ? 3  DC  A "H3'"  1 
ATOM   85  H "H2'"  . DC  A 1 3  ? 3.287   -4.558  -10.389 1.00 0.00 ? 3  DC  A "H2'"  1 
ATOM   86  H "H2''" . DC  A 1 3  ? 2.055   -3.408  -10.269 1.00 0.00 ? 3  DC  A "H2''" 1 
ATOM   87  H "H1'"  . DC  A 1 3  ? 0.438   -4.819  -11.105 1.00 0.00 ? 3  DC  A "H1'"  1 
ATOM   88  H H41    . DC  A 1 3  ? 0.497   -9.936  -7.448  1.00 0.00 ? 3  DC  A H41    1 
ATOM   89  H H42    . DC  A 1 3  ? 2.217   -9.857  -7.223  1.00 0.00 ? 3  DC  A H42    1 
ATOM   90  H H5     . DC  A 1 3  ? 3.516   -8.667  -8.977  1.00 0.00 ? 3  DC  A H5     1 
ATOM   91  H H6     . DC  A 1 3  ? 3.461   -6.768  -10.478 1.00 0.00 ? 3  DC  A H6     1 
ATOM   92  P P      . DA  A 1 4  ? 2.362   -0.992  -12.668 1.00 0.00 ? 4  DA  A P      1 
ATOM   93  O OP1    . DA  A 1 4  ? 3.014   -0.850  -13.933 1.00 0.00 ? 4  DA  A OP1    1 
ATOM   94  O OP2    . DA  A 1 4  ? 3.066   -0.620  -11.474 1.00 0.00 ? 4  DA  A OP2    1 
ATOM   95  O "O5'"  . DA  A 1 4  ? 1.021   -0.128  -12.727 1.00 0.00 ? 4  DA  A "O5'"  1 
ATOM   96  C "C5'"  . DA  A 1 4  ? -0.304  -0.591  -12.834 1.00 0.00 ? 4  DA  A "C5'"  1 
ATOM   97  C "C4'"  . DA  A 1 4  ? -1.188  -0.014  -11.726 1.00 0.00 ? 4  DA  A "C4'"  1 
ATOM   98  O "O4'"  . DA  A 1 4  ? -1.331  -0.988  -10.702 1.00 0.00 ? 4  DA  A "O4'"  1 
ATOM   99  C "C3'"  . DA  A 1 4  ? -0.599  1.250   -11.096 1.00 0.00 ? 4  DA  A "C3'"  1 
ATOM   100 O "O3'"  . DA  A 1 4  ? -1.425  2.371   -11.218 1.00 0.00 ? 4  DA  A "O3'"  1 
ATOM   101 C "C2'"  . DA  A 1 4  ? -0.397  0.907   -9.647  1.00 0.00 ? 4  DA  A "C2'"  1 
ATOM   102 C "C1'"  . DA  A 1 4  ? -0.874  -0.517  -9.433  1.00 0.00 ? 4  DA  A "C1'"  1 
ATOM   103 N N9     . DA  A 1 4  ? 0.145   -1.432  -8.927  1.00 0.00 ? 4  DA  A N9     1 
ATOM   104 C C8     . DA  A 1 4  ? 1.520   -1.421  -9.004  1.00 0.00 ? 4  DA  A C8     1 
ATOM   105 N N7     . DA  A 1 4  ? 2.090   -2.425  -8.430  1.00 0.00 ? 4  DA  A N7     1 
ATOM   106 C C5     . DA  A 1 4  ? 1.064   -3.154  -7.930  1.00 0.00 ? 4  DA  A C5     1 
ATOM   107 C C6     . DA  A 1 4  ? 1.057   -4.339  -7.198  1.00 0.00 ? 4  DA  A C6     1 
ATOM   108 N N6     . DA  A 1 4  ? 2.165   -4.972  -6.881  1.00 0.00 ? 4  DA  A N6     1 
ATOM   109 N N1     . DA  A 1 4  ? -0.149  -4.831  -6.827  1.00 0.00 ? 4  DA  A N1     1 
ATOM   110 C C2     . DA  A 1 4  ? -1.232  -4.153  -7.184  1.00 0.00 ? 4  DA  A C2     1 
ATOM   111 N N3     . DA  A 1 4  ? -1.341  -3.031  -7.858  1.00 0.00 ? 4  DA  A N3     1 
ATOM   112 C C4     . DA  A 1 4  ? -0.138  -2.574  -8.222  1.00 0.00 ? 4  DA  A C4     1 
ATOM   113 H "H5'"  . DA  A 1 4  ? -0.304  -1.655  -12.767 1.00 0.00 ? 4  DA  A "H5'"  1 
ATOM   114 H "H5''" . DA  A 1 4  ? -0.728  -0.283  -13.743 1.00 0.00 ? 4  DA  A "H5''" 1 
ATOM   115 H "H4'"  . DA  A 1 4  ? -2.189  0.197   -12.066 1.00 0.00 ? 4  DA  A "H4'"  1 
ATOM   116 H "H3'"  . DA  A 1 4  ? 0.296   1.571   -11.607 1.00 0.00 ? 4  DA  A "H3'"  1 
ATOM   117 H "H2'"  . DA  A 1 4  ? 0.615   1.064   -9.312  1.00 0.00 ? 4  DA  A "H2'"  1 
ATOM   118 H "H2''" . DA  A 1 4  ? -1.001  1.546   -9.033  1.00 0.00 ? 4  DA  A "H2''" 1 
ATOM   119 H "H1'"  . DA  A 1 4  ? -1.691  -0.545  -8.732  1.00 0.00 ? 4  DA  A "H1'"  1 
ATOM   120 H H8     . DA  A 1 4  ? 2.073   -0.664  -9.536  1.00 0.00 ? 4  DA  A H8     1 
ATOM   121 H H61    . DA  A 1 4  ? 2.143   -5.903  -6.451  1.00 0.00 ? 4  DA  A H61    1 
ATOM   122 H H62    . DA  A 1 4  ? 3.049   -4.573  -7.052  1.00 0.00 ? 4  DA  A H62    1 
ATOM   123 H H2     . DA  A 1 4  ? -2.215  -4.509  -6.903  1.00 0.00 ? 4  DA  A H2     1 
ATOM   124 P P      . DA  A 1 5  ? -3.020  2.515   -11.043 1.00 0.00 ? 5  DA  A P      1 
ATOM   125 O OP1    . DA  A 1 5  ? -3.565  1.915   -12.238 1.00 0.00 ? 5  DA  A OP1    1 
ATOM   126 O OP2    . DA  A 1 5  ? -3.368  3.881   -10.701 1.00 0.00 ? 5  DA  A OP2    1 
ATOM   127 O "O5'"  . DA  A 1 5  ? -3.395  1.626   -9.775  1.00 0.00 ? 5  DA  A "O5'"  1 
ATOM   128 C "C5'"  . DA  A 1 5  ? -4.107  2.062   -8.776  1.00 0.00 ? 5  DA  A "C5'"  1 
ATOM   129 C "C4'"  . DA  A 1 5  ? -4.675  1.040   -7.832  1.00 0.00 ? 5  DA  A "C4'"  1 
ATOM   130 O "O4'"  . DA  A 1 5  ? -3.652  0.095   -7.509  1.00 0.00 ? 5  DA  A "O4'"  1 
ATOM   131 C "C3'"  . DA  A 1 5  ? -5.200  1.649   -6.521  1.00 0.00 ? 5  DA  A "C3'"  1 
ATOM   132 O "O3'"  . DA  A 1 5  ? -6.528  1.185   -6.285  1.00 0.00 ? 5  DA  A "O3'"  1 
ATOM   133 C "C2'"  . DA  A 1 5  ? -4.212  1.149   -5.486  1.00 0.00 ? 5  DA  A "C2'"  1 
ATOM   134 C "C1'"  . DA  A 1 5  ? -3.641  -0.074  -6.095  1.00 0.00 ? 5  DA  A "C1'"  1 
ATOM   135 N N9     . DA  A 1 5  ? -2.271  -0.335  -5.682  1.00 0.00 ? 5  DA  A N9     1 
ATOM   136 C C8     . DA  A 1 5  ? -1.188  0.452   -5.790  1.00 0.00 ? 5  DA  A C8     1 
ATOM   137 N N7     . DA  A 1 5  ? -0.073  -0.095  -5.338  1.00 0.00 ? 5  DA  A N7     1 
ATOM   138 C C5     . DA  A 1 5  ? -0.492  -1.358  -4.906  1.00 0.00 ? 5  DA  A C5     1 
ATOM   139 C C6     . DA  A 1 5  ? 0.168   -2.439  -4.342  1.00 0.00 ? 5  DA  A C6     1 
ATOM   140 N N6     . DA  A 1 5  ? 1.485   -2.411  -4.101  1.00 0.00 ? 5  DA  A N6     1 
ATOM   141 N N1     . DA  A 1 5  ? -0.545  -3.541  -4.032  1.00 0.00 ? 5  DA  A N1     1 
ATOM   142 C C2     . DA  A 1 5  ? -1.857  -3.567  -4.282  1.00 0.00 ? 5  DA  A C2     1 
ATOM   143 N N3     . DA  A 1 5  ? -2.582  -2.597  -4.817  1.00 0.00 ? 5  DA  A N3     1 
ATOM   144 C C4     . DA  A 1 5  ? -1.820  -1.496  -5.112  1.00 0.00 ? 5  DA  A C4     1 
ATOM   145 H "H5'"  . DA  A 1 5  ? -4.871  2.559   -9.153  1.00 0.00 ? 5  DA  A "H5'"  1 
ATOM   146 H "H5''" . DA  A 1 5  ? -3.546  2.658   -8.300  1.00 0.00 ? 5  DA  A "H5''" 1 
ATOM   147 H "H4'"  . DA  A 1 5  ? -5.494  0.552   -8.282  1.00 0.00 ? 5  DA  A "H4'"  1 
ATOM   148 H "H3'"  . DA  A 1 5  ? -5.185  2.721   -6.606  1.00 0.00 ? 5  DA  A "H3'"  1 
ATOM   149 H "H2'"  . DA  A 1 5  ? -3.444  1.878   -5.343  1.00 0.00 ? 5  DA  A "H2'"  1 
ATOM   150 H "H2''" . DA  A 1 5  ? -4.653  0.947   -4.530  1.00 0.00 ? 5  DA  A "H2''" 1 
ATOM   151 H "H1'"  . DA  A 1 5  ? -4.315  -0.895  -5.886  1.00 0.00 ? 5  DA  A "H1'"  1 
ATOM   152 H H8     . DA  A 1 5  ? -1.264  1.450   -6.212  1.00 0.00 ? 5  DA  A H8     1 
ATOM   153 H H61    . DA  A 1 5  ? 2.092   -3.230  -4.199  1.00 0.00 ? 5  DA  A H61    1 
ATOM   154 H H62    . DA  A 1 5  ? 1.938   -1.567  -3.805  1.00 0.00 ? 5  DA  A H62    1 
ATOM   155 H H2     . DA  A 1 5  ? -2.413  -4.479  -4.086  1.00 0.00 ? 5  DA  A H2     1 
ATOM   156 P P      . DA  A 1 6  ? -7.393  1.328   -4.920  1.00 0.00 ? 6  DA  A P      1 
ATOM   157 O OP1    . DA  A 1 6  ? -8.750  0.876   -5.198  1.00 0.00 ? 6  DA  A OP1    1 
ATOM   158 O OP2    . DA  A 1 6  ? -7.132  2.665   -4.369  1.00 0.00 ? 6  DA  A OP2    1 
ATOM   159 O "O5'"  . DA  A 1 6  ? -6.695  0.277   -3.953  1.00 0.00 ? 6  DA  A "O5'"  1 
ATOM   160 C "C5'"  . DA  A 1 6  ? -6.865  -1.091  -4.027  1.00 0.00 ? 6  DA  A "C5'"  1 
ATOM   161 C "C4'"  . DA  A 1 6  ? -6.473  -1.845  -2.774  1.00 0.00 ? 6  DA  A "C4'"  1 
ATOM   162 O "O4'"  . DA  A 1 6  ? -5.087  -2.037  -2.798  1.00 0.00 ? 6  DA  A "O4'"  1 
ATOM   163 C "C3'"  . DA  A 1 6  ? -6.841  -1.086  -1.504  1.00 0.00 ? 6  DA  A "C3'"  1 
ATOM   164 O "O3'"  . DA  A 1 6  ? -7.746  -1.820  -0.727  1.00 0.00 ? 6  DA  A "O3'"  1 
ATOM   165 C "C2'"  . DA  A 1 6  ? -5.553  -0.905  -0.765  1.00 0.00 ? 6  DA  A "C2'"  1 
ATOM   166 C "C1'"  . DA  A 1 6  ? -4.571  -1.785  -1.482  1.00 0.00 ? 6  DA  A "C1'"  1 
ATOM   167 N N9     . DA  A 1 6  ? -3.249  -1.154  -1.561  1.00 0.00 ? 6  DA  A N9     1 
ATOM   168 C C8     . DA  A 1 6  ? -2.895  0.098   -1.902  1.00 0.00 ? 6  DA  A C8     1 
ATOM   169 N N7     . DA  A 1 6  ? -1.600  0.317   -1.897  1.00 0.00 ? 6  DA  A N7     1 
ATOM   170 C C5     . DA  A 1 6  ? -1.082  -0.892  -1.499  1.00 0.00 ? 6  DA  A C5     1 
ATOM   171 C C6     . DA  A 1 6  ? 0.222   -1.301  -1.248  1.00 0.00 ? 6  DA  A C6     1 
ATOM   172 N N6     . DA  A 1 6  ? 1.265   -0.511  -1.423  1.00 0.00 ? 6  DA  A N6     1 
ATOM   173 N N1     . DA  A 1 6  ? 0.415   -2.544  -0.828  1.00 0.00 ? 6  DA  A N1     1 
ATOM   174 C C2     . DA  A 1 6  ? -0.630  -3.324  -0.674  1.00 0.00 ? 6  DA  A C2     1 
ATOM   175 N N3     . DA  A 1 6  ? -1.904  -3.059  -0.877  1.00 0.00 ? 6  DA  A N3     1 
ATOM   176 C C4     . DA  A 1 6  ? -2.058  -1.810  -1.296  1.00 0.00 ? 6  DA  A C4     1 
ATOM   177 H "H5'"  . DA  A 1 6  ? -6.197  -1.464  -4.765  1.00 0.00 ? 6  DA  A "H5'"  1 
ATOM   178 H "H5''" . DA  A 1 6  ? -7.855  -1.337  -4.300  1.00 0.00 ? 6  DA  A "H5''" 1 
ATOM   179 H "H4'"  . DA  A 1 6  ? -6.883  -2.840  -2.767  1.00 0.00 ? 6  DA  A "H4'"  1 
ATOM   180 H "H3'"  . DA  A 1 6  ? -7.340  -0.165  -1.757  1.00 0.00 ? 6  DA  A "H3'"  1 
ATOM   181 H "H2'"  . DA  A 1 6  ? -5.228  0.118   -0.653  1.00 0.00 ? 6  DA  A "H2'"  1 
ATOM   182 H "H2''" . DA  A 1 6  ? -5.707  -1.305  0.232   1.00 0.00 ? 6  DA  A "H2''" 1 
ATOM   183 H "H1'"  . DA  A 1 6  ? -4.416  -2.717  -0.952  1.00 0.00 ? 6  DA  A "H1'"  1 
ATOM   184 H H8     . DA  A 1 6  ? -3.590  0.888   -2.139  1.00 0.00 ? 6  DA  A H8     1 
ATOM   185 H H61    . DA  A 1 6  ? 2.092   -0.715  -1.255  1.00 0.00 ? 6  DA  A H61    1 
ATOM   186 H H62    . DA  A 1 6  ? 1.217   0.300   -1.723  1.00 0.00 ? 6  DA  A H62    1 
ATOM   187 H H2     . DA  A 1 6  ? -0.446  -4.316  -0.308  1.00 0.00 ? 6  DA  A H2     1 
ATOM   188 P P      . DA  A 1 7  ? -8.739  -1.192  0.384   1.00 0.00 ? 7  DA  A P      1 
ATOM   189 O OP1    . DA  A 1 7  ? -10.044 -1.054  -0.232  1.00 0.00 ? 7  DA  A OP1    1 
ATOM   190 O OP2    . DA  A 1 7  ? -8.082  -0.028  0.990   1.00 0.00 ? 7  DA  A OP2    1 
ATOM   191 O "O5'"  . DA  A 1 7  ? -8.883  -2.331  1.490   1.00 0.00 ? 7  DA  A "O5'"  1 
ATOM   192 C "C5'"  . DA  A 1 7  ? -8.192  -3.532  1.519   1.00 0.00 ? 7  DA  A "C5'"  1 
ATOM   193 C "C4'"  . DA  A 1 7  ? -7.116  -3.548  2.591   1.00 0.00 ? 7  DA  A "C4'"  1 
ATOM   194 O "O4'"  . DA  A 1 7  ? -5.957  -2.826  2.137   1.00 0.00 ? 7  DA  A "O4'"  1 
ATOM   195 C "C3'"  . DA  A 1 7  ? -7.535  -2.984  3.926   1.00 0.00 ? 7  DA  A "C3'"  1 
ATOM   196 O "O3'"  . DA  A 1 7  ? -7.470  -4.059  4.843   1.00 0.00 ? 7  DA  A "O3'"  1 
ATOM   197 C "C2'"  . DA  A 1 7  ? -6.540  -1.849  4.170   1.00 0.00 ? 7  DA  A "C2'"  1 
ATOM   198 C "C1'"  . DA  A 1 7  ? -5.413  -2.056  3.195   1.00 0.00 ? 7  DA  A "C1'"  1 
ATOM   199 N N9     . DA  A 1 7  ? -4.799  -0.834  2.684   1.00 0.00 ? 7  DA  A N9     1 
ATOM   200 C C8     . DA  A 1 7  ? -5.368  0.338   2.259   1.00 0.00 ? 7  DA  A C8     1 
ATOM   201 N N7     . DA  A 1 7  ? -4.543  1.235   1.833   1.00 0.00 ? 7  DA  A N7     1 
ATOM   202 C C5     . DA  A 1 7  ? -3.322  0.612   1.994   1.00 0.00 ? 7  DA  A C5     1 
ATOM   203 C C6     . DA  A 1 7  ? -2.017  1.045   1.784   1.00 0.00 ? 7  DA  A C6     1 
ATOM   204 N N6     . DA  A 1 7  ? -1.762  2.210   1.254   1.00 0.00 ? 7  DA  A N6     1 
ATOM   205 N N1     . DA  A 1 7  ? -1.023  0.204   2.107   1.00 0.00 ? 7  DA  A N1     1 
ATOM   206 C C2     . DA  A 1 7  ? -1.292  -0.987  2.598   1.00 0.00 ? 7  DA  A C2     1 
ATOM   207 N N3     . DA  A 1 7  ? -2.476  -1.513  2.839   1.00 0.00 ? 7  DA  A N3     1 
ATOM   208 C C4     . DA  A 1 7  ? -3.445  -0.655  2.517   1.00 0.00 ? 7  DA  A C4     1 
ATOM   209 H "H5'"  . DA  A 1 7  ? -7.781  -3.706  0.576   1.00 0.00 ? 7  DA  A "H5'"  1 
ATOM   210 H "H5''" . DA  A 1 7  ? -8.833  -4.344  1.729   1.00 0.00 ? 7  DA  A "H5''" 1 
ATOM   211 H "H4'"  . DA  A 1 7  ? -6.828  -4.570  2.751   1.00 0.00 ? 7  DA  A "H4'"  1 
ATOM   212 H "H3'"  . DA  A 1 7  ? -8.534  -2.632  3.838   1.00 0.00 ? 7  DA  A "H3'"  1 
ATOM   213 H "H2'"  . DA  A 1 7  ? -6.970  -0.874  4.012   1.00 0.00 ? 7  DA  A "H2'"  1 
ATOM   214 H "H2''" . DA  A 1 7  ? -6.165  -1.865  5.182   1.00 0.00 ? 7  DA  A "H2''" 1 
ATOM   215 H "H1'"  . DA  A 1 7  ? -4.668  -2.656  3.700   1.00 0.00 ? 7  DA  A "H1'"  1 
ATOM   216 H H8     . DA  A 1 7  ? -6.437  0.501   2.261   1.00 0.00 ? 7  DA  A H8     1 
ATOM   217 H H61    . DA  A 1 7  ? -0.876  2.308   0.692   1.00 0.00 ? 7  DA  A H61    1 
ATOM   218 H H62    . DA  A 1 7  ? -2.405  2.986   1.361   1.00 0.00 ? 7  DA  A H62    1 
ATOM   219 H H2     . DA  A 1 7  ? -0.437  -1.614  2.811   1.00 0.00 ? 7  DA  A H2     1 
ATOM   220 P P      . DA  A 1 8  ? -7.550  -4.007  6.405   1.00 0.00 ? 8  DA  A P      1 
ATOM   221 O OP1    . DA  A 1 8  ? -8.130  -5.146  6.804   1.00 0.00 ? 8  DA  A OP1    1 
ATOM   222 O OP2    . DA  A 1 8  ? -8.037  -2.800  6.817   1.00 0.00 ? 8  DA  A OP2    1 
ATOM   223 O "O5'"  . DA  A 1 8  ? -6.188  -4.005  6.900   1.00 0.00 ? 8  DA  A "O5'"  1 
ATOM   224 C "C5'"  . DA  A 1 8  ? -5.010  -4.538  6.514   1.00 0.00 ? 8  DA  A "C5'"  1 
ATOM   225 C "C4'"  . DA  A 1 8  ? -3.790  -3.783  6.940   1.00 0.00 ? 8  DA  A "C4'"  1 
ATOM   226 O "O4'"  . DA  A 1 8  ? -3.619  -2.635  6.076   1.00 0.00 ? 8  DA  A "O4'"  1 
ATOM   227 C "C3'"  . DA  A 1 8  ? -3.880  -3.273  8.417   1.00 0.00 ? 8  DA  A "C3'"  1 
ATOM   228 O "O3'"  . DA  A 1 8  ? -2.784  -3.706  9.234   1.00 0.00 ? 8  DA  A "O3'"  1 
ATOM   229 C "C2'"  . DA  A 1 8  ? -3.932  -1.758  8.244   1.00 0.00 ? 8  DA  A "C2'"  1 
ATOM   230 C "C1'"  . DA  A 1 8  ? -3.263  -1.511  6.893   1.00 0.00 ? 8  DA  A "C1'"  1 
ATOM   231 N N9     . DA  A 1 8  ? -3.577  -0.177  6.283   1.00 0.00 ? 8  DA  A N9     1 
ATOM   232 C C8     . DA  A 1 8  ? -4.751  0.517   6.268   1.00 0.00 ? 8  DA  A C8     1 
ATOM   233 N N7     . DA  A 1 8  ? -4.689  1.678   5.644   1.00 0.00 ? 8  DA  A N7     1 
ATOM   234 C C5     . DA  A 1 8  ? -3.355  1.727   5.223   1.00 0.00 ? 8  DA  A C5     1 
ATOM   235 C C6     . DA  A 1 8  ? -2.606  2.729   4.595   1.00 0.00 ? 8  DA  A C6     1 
ATOM   236 N N6     . DA  A 1 8  ? -3.136  3.854   4.149   1.00 0.00 ? 8  DA  A N6     1 
ATOM   237 N N1     . DA  A 1 8  ? -1.298  2.498   4.457   1.00 0.00 ? 8  DA  A N1     1 
ATOM   238 C C2     . DA  A 1 8  ? -0.791  1.362   4.892   1.00 0.00 ? 8  DA  A C2     1 
ATOM   239 N N3     . DA  A 1 8  ? -1.378  0.345   5.478   1.00 0.00 ? 8  DA  A N3     1 
ATOM   240 C C4     . DA  A 1 8  ? -2.696  0.615   5.610   1.00 0.00 ? 8  DA  A C4     1 
ATOM   241 H "H5'"  . DA  A 1 8  ? -5.040  -4.655  5.462   1.00 0.00 ? 8  DA  A "H5'"  1 
ATOM   242 H "H5''" . DA  A 1 8  ? -4.910  -5.450  6.960   1.00 0.00 ? 8  DA  A "H5''" 1 
ATOM   243 H "H4'"  . DA  A 1 8  ? -2.949  -4.445  6.866   1.00 0.00 ? 8  DA  A "H4'"  1 
ATOM   244 H "H3'"  . DA  A 1 8  ? -4.791  -3.656  8.852   1.00 0.00 ? 8  DA  A "H3'"  1 
ATOM   245 H "H2'"  . DA  A 1 8  ? -4.945  -1.387  8.231   1.00 0.00 ? 8  DA  A "H2'"  1 
ATOM   246 H "H2''" . DA  A 1 8  ? -3.416  -1.224  9.013   1.00 0.00 ? 8  DA  A "H2''" 1 
ATOM   247 H "H1'"  . DA  A 1 8  ? -2.193  -1.548  7.021   1.00 0.00 ? 8  DA  A "H1'"  1 
ATOM   248 H H8     . DA  A 1 8  ? -5.656  0.165   6.758   1.00 0.00 ? 8  DA  A H8     1 
ATOM   249 H H61    . DA  A 1 8  ? -2.736  4.338   3.332   1.00 0.00 ? 8  DA  A H61    1 
ATOM   250 H H62    . DA  A 1 8  ? -3.921  4.251   4.602   1.00 0.00 ? 8  DA  A H62    1 
ATOM   251 H H2     . DA  A 1 8  ? 0.279   1.216   4.767   1.00 0.00 ? 8  DA  A H2     1 
ATOM   252 P P      . DT  A 1 9  ? -1.322  -3.004  9.437   1.00 0.00 ? 9  DT  A P      1 
ATOM   253 O OP1    . DT  A 1 9  ? -0.517  -3.897  10.258  1.00 0.00 ? 9  DT  A OP1    1 
ATOM   254 O OP2    . DT  A 1 9  ? -1.535  -1.610  9.852   1.00 0.00 ? 9  DT  A OP2    1 
ATOM   255 O "O5'"  . DT  A 1 9  ? -0.694  -2.983  7.990   1.00 0.00 ? 9  DT  A "O5'"  1 
ATOM   256 C "C5'"  . DT  A 1 9  ? 0.688   -3.168  7.657   1.00 0.00 ? 9  DT  A "C5'"  1 
ATOM   257 C "C4'"  . DT  A 1 9  ? 1.627   -2.004  7.861   1.00 0.00 ? 9  DT  A "C4'"  1 
ATOM   258 O "O4'"  . DT  A 1 9  ? 1.072   -0.800  7.375   1.00 0.00 ? 9  DT  A "O4'"  1 
ATOM   259 C "C3'"  . DT  A 1 9  ? 2.077   -1.778  9.283   1.00 0.00 ? 9  DT  A "C3'"  1 
ATOM   260 O "O3'"  . DT  A 1 9  ? 3.483   -2.053  9.388   1.00 0.00 ? 9  DT  A "O3'"  1 
ATOM   261 C "C2'"  . DT  A 1 9  ? 1.805   -0.311  9.487   1.00 0.00 ? 9  DT  A "C2'"  1 
ATOM   262 C "C1'"  . DT  A 1 9  ? 1.417   0.300   8.153   1.00 0.00 ? 9  DT  A "C1'"  1 
ATOM   263 N N1     . DT  A 1 9  ? 0.324   1.302   8.134   1.00 0.00 ? 9  DT  A N1     1 
ATOM   264 C C2     . DT  A 1 9  ? 0.608   2.434   7.418   1.00 0.00 ? 9  DT  A C2     1 
ATOM   265 O O2     . DT  A 1 9  ? 1.681   2.648   6.849   1.00 0.00 ? 9  DT  A O2     1 
ATOM   266 N N3     . DT  A 1 9  ? -0.379  3.353   7.380   1.00 0.00 ? 9  DT  A N3     1 
ATOM   267 C C4     . DT  A 1 9  ? -1.611  3.283   7.980   1.00 0.00 ? 9  DT  A C4     1 
ATOM   268 O O4     . DT  A 1 9  ? -2.408  4.211   7.889   1.00 0.00 ? 9  DT  A O4     1 
ATOM   269 C C5     . DT  A 1 9  ? -1.820  2.053   8.700   1.00 0.00 ? 9  DT  A C5     1 
ATOM   270 C C7     . DT  A 1 9  ? -3.144  1.856   9.369   1.00 0.00 ? 9  DT  A C7     1 
ATOM   271 C C6     . DT  A 1 9  ? -0.865  1.131   8.746   1.00 0.00 ? 9  DT  A C6     1 
ATOM   272 H "H5'"  . DT  A 1 9  ? 0.757   -3.462  6.646   1.00 0.00 ? 9  DT  A "H5'"  1 
ATOM   273 H "H5''" . DT  A 1 9  ? 1.068   -3.972  8.250   1.00 0.00 ? 9  DT  A "H5''" 1 
ATOM   274 H "H4'"  . DT  A 1 9  ? 2.524   -2.217  7.312   1.00 0.00 ? 9  DT  A "H4'"  1 
ATOM   275 H "H3'"  . DT  A 1 9  ? 1.556   -2.417  9.958   1.00 0.00 ? 9  DT  A "H3'"  1 
ATOM   276 H "H2'"  . DT  A 1 9  ? 1.060   -0.220  10.249  1.00 0.00 ? 9  DT  A "H2'"  1 
ATOM   277 H "H2''" . DT  A 1 9  ? 2.704   0.124   9.869   1.00 0.00 ? 9  DT  A "H2''" 1 
ATOM   278 H "H1'"  . DT  A 1 9  ? 2.289   0.747   7.731   1.00 0.00 ? 9  DT  A "H1'"  1 
ATOM   279 H H3     . DT  A 1 9  ? -0.130  4.185   6.869   1.00 0.00 ? 9  DT  A H3     1 
ATOM   280 H H71    . DT  A 1 9  ? -3.423  2.453   9.703   1.00 0.00 ? 9  DT  A H71    1 
ATOM   281 H H72    . DT  A 1 9  ? -3.778  1.597   8.994   1.00 0.00 ? 9  DT  A H72    1 
ATOM   282 H H73    . DT  A 1 9  ? -3.229  1.385   9.931   1.00 0.00 ? 9  DT  A H73    1 
ATOM   283 H H6     . DT  A 1 9  ? -1.046  0.226   9.314   1.00 0.00 ? 9  DT  A H6     1 
ATOM   284 P P      . DG  A 1 10 ? 4.322   -1.864  10.749  1.00 0.00 ? 10 DG  A P      1 
ATOM   285 O OP1    . DG  A 1 10 ? 5.207   -2.943  10.922  1.00 0.00 ? 10 DG  A OP1    1 
ATOM   286 O OP2    . DG  A 1 10 ? 3.435   -1.507  11.810  1.00 0.00 ? 10 DG  A OP2    1 
ATOM   287 O "O5'"  . DG  A 1 10 ? 5.139   -0.617  10.404  1.00 0.00 ? 10 DG  A "O5'"  1 
ATOM   288 C "C5'"  . DG  A 1 10 ? 5.937   -0.205  9.566   1.00 0.00 ? 10 DG  A "C5'"  1 
ATOM   289 C "C4'"  . DG  A 1 10 ? 6.293   1.262   9.518   1.00 0.00 ? 10 DG  A "C4'"  1 
ATOM   290 O "O4'"  . DG  A 1 10 ? 5.091   1.992   9.229   1.00 0.00 ? 10 DG  A "O4'"  1 
ATOM   291 C "C3'"  . DG  A 1 10 ? 6.883   1.801   10.824  1.00 0.00 ? 10 DG  A "C3'"  1 
ATOM   292 O "O3'"  . DG  A 1 10 ? 8.131   2.488   10.559  1.00 0.00 ? 10 DG  A "O3'"  1 
ATOM   293 C "C2'"  . DG  A 1 10 ? 5.718   2.671   11.351  1.00 0.00 ? 10 DG  A "C2'"  1 
ATOM   294 C "C1'"  . DG  A 1 10 ? 4.949   3.048   10.117  1.00 0.00 ? 10 DG  A "C1'"  1 
ATOM   295 N N9     . DG  A 1 10 ? 3.520   3.383   10.369  1.00 0.00 ? 10 DG  A N9     1 
ATOM   296 C C8     . DG  A 1 10 ? 2.608   2.781   11.181  1.00 0.00 ? 10 DG  A C8     1 
ATOM   297 N N7     . DG  A 1 10 ? 1.439   3.359   11.112  1.00 0.00 ? 10 DG  A N7     1 
ATOM   298 C C5     . DG  A 1 10 ? 1.613   4.391   10.227  1.00 0.00 ? 10 DG  A C5     1 
ATOM   299 C C6     . DG  A 1 10 ? 0.734   5.451   9.858   1.00 0.00 ? 10 DG  A C6     1 
ATOM   300 O O6     . DG  A 1 10 ? -0.436  5.617   10.158  1.00 0.00 ? 10 DG  A O6     1 
ATOM   301 N N1     . DG  A 1 10 ? 1.361   6.403   9.046   1.00 0.00 ? 10 DG  A N1     1 
ATOM   302 C C2     . DG  A 1 10 ? 2.652   6.336   8.650   1.00 0.00 ? 10 DG  A C2     1 
ATOM   303 N N2     . DG  A 1 10 ? 3.109   7.319   7.921   1.00 0.00 ? 10 DG  A N2     1 
ATOM   304 N N3     . DG  A 1 10 ? 3.450   5.353   8.975   1.00 0.00 ? 10 DG  A N3     1 
ATOM   305 C C4     . DG  A 1 10 ? 2.881   4.413   9.762   1.00 0.00 ? 10 DG  A C4     1 
ATOM   306 H "H5'"  . DG  A 1 10 ? 5.545   -0.356  8.816   1.00 0.00 ? 10 DG  A "H5'"  1 
ATOM   307 H "H5''" . DG  A 1 10 ? 6.643   -0.679  9.613   1.00 0.00 ? 10 DG  A "H5''" 1 
ATOM   308 H "H4'"  . DG  A 1 10 ? 6.956   1.435   8.690   1.00 0.00 ? 10 DG  A "H4'"  1 
ATOM   309 H "H3'"  . DG  A 1 10 ? 7.074   0.961   11.487  1.00 0.00 ? 10 DG  A "H3'"  1 
ATOM   310 H "H2'"  . DG  A 1 10 ? 5.113   2.118   12.062  1.00 0.00 ? 10 DG  A "H2'"  1 
ATOM   311 H "H2''" . DG  A 1 10 ? 6.085   3.569   11.841  1.00 0.00 ? 10 DG  A "H2''" 1 
ATOM   312 H "H1'"  . DG  A 1 10 ? 5.435   3.893   9.652   1.00 0.00 ? 10 DG  A "H1'"  1 
ATOM   313 H H8     . DG  A 1 10 ? 2.825   1.933   11.821  1.00 0.00 ? 10 DG  A H8     1 
ATOM   314 H H1     . DG  A 1 10 ? 0.760   7.157   8.776   1.00 0.00 ? 10 DG  A H1     1 
ATOM   315 H H21    . DG  A 1 10 ? 2.478   7.929   7.433   1.00 0.00 ? 10 DG  A H21    1 
ATOM   316 H H22    . DG  A 1 10 ? 4.143   7.416   7.898   1.00 0.00 ? 10 DG  A H22    1 
ATOM   317 P P      . DC  A 1 11 ? 8.483   4.013   10.198  1.00 0.00 ? 11 DC  A P      1 
ATOM   318 O OP1    . DC  A 1 11 ? 9.709   3.963   9.439   1.00 0.00 ? 11 DC  A OP1    1 
ATOM   319 O OP2    . DC  A 1 11 ? 8.436   4.733   11.445  1.00 0.00 ? 11 DC  A OP2    1 
ATOM   320 O "O5'"  . DC  A 1 11 ? 7.341   4.601   9.244   1.00 0.00 ? 11 DC  A "O5'"  1 
ATOM   321 C "C5'"  . DC  A 1 11 ? 7.585   5.226   7.972   1.00 0.00 ? 11 DC  A "C5'"  1 
ATOM   322 C "C4'"  . DC  A 1 11 ? 7.453   6.766   7.939   1.00 0.00 ? 11 DC  A "C4'"  1 
ATOM   323 O "O4'"  . DC  A 1 11 ? 6.130   7.209   8.327   1.00 0.00 ? 11 DC  A "O4'"  1 
ATOM   324 C "C3'"  . DC  A 1 11 ? 8.506   7.547   8.727   1.00 0.00 ? 11 DC  A "C3'"  1 
ATOM   325 O "O3'"  . DC  A 1 11 ? 9.233   8.385   7.816   1.00 0.00 ? 11 DC  A "O3'"  1 
ATOM   326 C "C2'"  . DC  A 1 11 ? 7.675   8.350   9.702   1.00 0.00 ? 11 DC  A "C2'"  1 
ATOM   327 C "C1'"  . DC  A 1 11 ? 6.196   8.240   9.292   1.00 0.00 ? 11 DC  A "C1'"  1 
ATOM   328 N N1     . DC  A 1 11 ? 5.262   7.845   10.394  1.00 0.00 ? 11 DC  A N1     1 
ATOM   329 C C2     . DC  A 1 11 ? 4.094   8.549   10.539  1.00 0.00 ? 11 DC  A C2     1 
ATOM   330 O O2     . DC  A 1 11 ? 3.834   9.505   9.824   1.00 0.00 ? 11 DC  A O2     1 
ATOM   331 N N3     . DC  A 1 11 ? 3.216   8.193   11.506  1.00 0.00 ? 11 DC  A N3     1 
ATOM   332 C C4     . DC  A 1 11 ? 3.501   7.170   12.302  1.00 0.00 ? 11 DC  A C4     1 
ATOM   333 N N4     . DC  A 1 11 ? 2.604   6.889   13.224  1.00 0.00 ? 11 DC  A N4     1 
ATOM   334 C C5     . DC  A 1 11 ? 4.706   6.422   12.175  1.00 0.00 ? 11 DC  A C5     1 
ATOM   335 C C6     . DC  A 1 11 ? 5.549   6.790   11.209  1.00 0.00 ? 11 DC  A C6     1 
ATOM   336 H "H5'"  . DC  A 1 11 ? 6.877   4.825   7.282   1.00 0.00 ? 11 DC  A "H5'"  1 
ATOM   337 H "H5''" . DC  A 1 11 ? 8.565   4.917   7.665   1.00 0.00 ? 11 DC  A "H5''" 1 
ATOM   338 H "H4'"  . DC  A 1 11 ? 7.609   7.079   6.919   1.00 0.00 ? 11 DC  A "H4'"  1 
ATOM   339 H "H3'"  . DC  A 1 11 ? 9.214   6.849   9.159   1.00 0.00 ? 11 DC  A "H3'"  1 
ATOM   340 H "H2'"  . DC  A 1 11 ? 7.843   8.026   10.716  1.00 0.00 ? 11 DC  A "H2'"  1 
ATOM   341 H "H2''" . DC  A 1 11 ? 8.012   9.377   9.637   1.00 0.00 ? 11 DC  A "H2''" 1 
ATOM   342 H "H1'"  . DC  A 1 11 ? 5.887   9.191   8.883   1.00 0.00 ? 11 DC  A "H1'"  1 
ATOM   343 H H41    . DC  A 1 11 ? 1.696   7.297   13.195  1.00 0.00 ? 11 DC  A H41    1 
ATOM   344 H H42    . DC  A 1 11 ? 2.831   6.248   13.929  1.00 0.00 ? 11 DC  A H42    1 
ATOM   345 H H5     . DC  A 1 11 ? 4.938   5.614   12.857  1.00 0.00 ? 11 DC  A H5     1 
ATOM   346 H H6     . DC  A 1 11 ? 6.461   6.205   11.128  1.00 0.00 ? 11 DC  A H6     1 
ATOM   347 P P      . DG  A 1 12 ? 10.519  9.264   8.153   1.00 0.00 ? 12 DG  A P      1 
ATOM   348 O OP1    . DG  A 1 12 ? 11.407  9.199   7.049   1.00 0.00 ? 12 DG  A OP1    1 
ATOM   349 O OP2    . DG  A 1 12 ? 11.005  8.902   9.452   1.00 0.00 ? 12 DG  A OP2    1 
ATOM   350 O "O5'"  . DG  A 1 12 ? 9.969   10.713  8.250   1.00 0.00 ? 12 DG  A "O5'"  1 
ATOM   351 C "C5'"  . DG  A 1 12 ? 9.094   11.358  7.443   1.00 0.00 ? 12 DG  A "C5'"  1 
ATOM   352 C "C4'"  . DG  A 1 12 ? 8.384   12.510  7.999   1.00 0.00 ? 12 DG  A "C4'"  1 
ATOM   353 O "O4'"  . DG  A 1 12 ? 7.242   12.055  8.739   1.00 0.00 ? 12 DG  A "O4'"  1 
ATOM   354 C "C3'"  . DG  A 1 12 ? 9.209   13.420  8.912   1.00 0.00 ? 12 DG  A "C3'"  1 
ATOM   355 O "O3'"  . DG  A 1 12 ? 9.351   14.715  8.453   1.00 0.00 ? 12 DG  A "O3'"  1 
ATOM   356 C "C2'"  . DG  A 1 12 ? 8.478   13.471  10.222  1.00 0.00 ? 12 DG  A "C2'"  1 
ATOM   357 C "C1'"  . DG  A 1 12 ? 7.139   12.792  9.939   1.00 0.00 ? 12 DG  A "C1'"  1 
ATOM   358 N N9     . DG  A 1 12 ? 6.640   11.921  11.033  1.00 0.00 ? 12 DG  A N9     1 
ATOM   359 C C8     . DG  A 1 12 ? 7.313   11.049  11.824  1.00 0.00 ? 12 DG  A C8     1 
ATOM   360 N N7     . DG  A 1 12 ? 6.549   10.438  12.659  1.00 0.00 ? 12 DG  A N7     1 
ATOM   361 C C5     . DG  A 1 12 ? 5.285   10.951  12.405  1.00 0.00 ? 12 DG  A C5     1 
ATOM   362 C C6     . DG  A 1 12 ? 4.065   10.751  13.100  1.00 0.00 ? 12 DG  A C6     1 
ATOM   363 O O6     . DG  A 1 12 ? 3.806   10.023  14.041  1.00 0.00 ? 12 DG  A O6     1 
ATOM   364 N N1     . DG  A 1 12 ? 3.078   11.557  12.603  1.00 0.00 ? 12 DG  A N1     1 
ATOM   365 C C2     . DG  A 1 12 ? 3.226   12.444  11.572  1.00 0.00 ? 12 DG  A C2     1 
ATOM   366 N N2     . DG  A 1 12 ? 2.187   13.159  11.194  1.00 0.00 ? 12 DG  A N2     1 
ATOM   367 N N3     . DG  A 1 12 ? 4.361   12.649  10.918  1.00 0.00 ? 12 DG  A N3     1 
ATOM   368 C C4     . DG  A 1 12 ? 5.351   11.846  11.404  1.00 0.00 ? 12 DG  A C4     1 
ATOM   369 H "H5'"  . DG  A 1 12 ? 8.413   10.712  7.256   1.00 0.00 ? 12 DG  A "H5'"  1 
ATOM   370 H "H5''" . DG  A 1 12 ? 9.583   11.568  6.627   1.00 0.00 ? 12 DG  A "H5''" 1 
ATOM   371 H "H4'"  . DG  A 1 12 ? 8.010   13.059  7.174   1.00 0.00 ? 12 DG  A "H4'"  1 
ATOM   372 H "H3'"  . DG  A 1 12 ? 10.170  13.035  8.966   1.00 0.00 ? 12 DG  A "H3'"  1 
ATOM   373 H "HO3'" . DG  A 1 12 ? 8.838   14.885  8.295   1.00 0.00 ? 12 DG  A "HO3'" 1 
ATOM   374 H "H2'"  . DG  A 1 12 ? 9.011   12.963  10.988  1.00 0.00 ? 12 DG  A "H2'"  1 
ATOM   375 H "H2''" . DG  A 1 12 ? 8.404   14.498  10.457  1.00 0.00 ? 12 DG  A "H2''" 1 
ATOM   376 H "H1'"  . DG  A 1 12 ? 6.416   13.582  9.778   1.00 0.00 ? 12 DG  A "H1'"  1 
ATOM   377 H H8     . DG  A 1 12 ? 8.387   10.910  11.767  1.00 0.00 ? 12 DG  A H8     1 
ATOM   378 H H1     . DG  A 1 12 ? 2.211   11.451  13.085  1.00 0.00 ? 12 DG  A H1     1 
ATOM   379 H H21    . DG  A 1 12 ? 1.363   13.202  11.759  1.00 0.00 ? 12 DG  A H21    1 
ATOM   380 H H22    . DG  A 1 12 ? 2.244   13.664  10.345  1.00 0.00 ? 12 DG  A H22    1 
ATOM   381 O "O5'"  . DC  B 2 1  ? -4.499  15.800  17.872  1.00 0.00 ? 13 DC  B "O5'"  1 
ATOM   382 C "C5'"  . DC  B 2 1  ? -3.145  15.382  17.615  1.00 0.00 ? 13 DC  B "C5'"  1 
ATOM   383 C "C4'"  . DC  B 2 1  ? -3.013  15.044  16.153  1.00 0.00 ? 13 DC  B "C4'"  1 
ATOM   384 O "O4'"  . DC  B 2 1  ? -1.769  14.381  15.832  1.00 0.00 ? 13 DC  B "O4'"  1 
ATOM   385 C "C3'"  . DC  B 2 1  ? -4.122  14.148  15.702  1.00 0.00 ? 13 DC  B "C3'"  1 
ATOM   386 O "O3'"  . DC  B 2 1  ? -5.117  14.949  15.088  1.00 0.00 ? 13 DC  B "O3'"  1 
ATOM   387 C "C2'"  . DC  B 2 1  ? -3.425  13.186  14.801  1.00 0.00 ? 13 DC  B "C2'"  1 
ATOM   388 C "C1'"  . DC  B 2 1  ? -1.954  13.472  14.790  1.00 0.00 ? 13 DC  B "C1'"  1 
ATOM   389 N N1     . DC  B 2 1  ? -1.057  12.316  14.964  1.00 0.00 ? 13 DC  B N1     1 
ATOM   390 C C2     . DC  B 2 1  ? -0.079  12.102  14.031  1.00 0.00 ? 13 DC  B C2     1 
ATOM   391 O O2     . DC  B 2 1  ? 0.083   12.819  13.088  1.00 0.00 ? 13 DC  B O2     1 
ATOM   392 N N3     . DC  B 2 1  ? 0.751   11.059  14.160  1.00 0.00 ? 13 DC  B N3     1 
ATOM   393 C C4     . DC  B 2 1  ? 0.637   10.230  15.167  1.00 0.00 ? 13 DC  B C4     1 
ATOM   394 N N4     . DC  B 2 1  ? 1.468   9.250   15.250  1.00 0.00 ? 13 DC  B N4     1 
ATOM   395 C C5     . DC  B 2 1  ? -0.366  10.412  16.155  1.00 0.00 ? 13 DC  B C5     1 
ATOM   396 C C6     . DC  B 2 1  ? -1.194  11.465  16.004  1.00 0.00 ? 13 DC  B C6     1 
ATOM   397 H "H5'"  . DC  B 2 1  ? -2.914  14.560  18.201  1.00 0.00 ? 13 DC  B "H5'"  1 
ATOM   398 H "H5''" . DC  B 2 1  ? -2.454  16.133  17.829  1.00 0.00 ? 13 DC  B "H5''" 1 
ATOM   399 H "H4'"  . DC  B 2 1  ? -3.127  15.917  15.565  1.00 0.00 ? 13 DC  B "H4'"  1 
ATOM   400 H "H3'"  . DC  B 2 1  ? -4.517  13.647  16.543  1.00 0.00 ? 13 DC  B "H3'"  1 
ATOM   401 H "H2'"  . DC  B 2 1  ? -3.582  12.180  15.150  1.00 0.00 ? 13 DC  B "H2'"  1 
ATOM   402 H "H2''" . DC  B 2 1  ? -3.837  13.270  13.811  1.00 0.00 ? 13 DC  B "H2''" 1 
ATOM   403 H "H1'"  . DC  B 2 1  ? -1.727  13.949  13.881  1.00 0.00 ? 13 DC  B "H1'"  1 
ATOM   404 H H41    . DC  B 2 1  ? 2.349   9.288   14.775  1.00 0.00 ? 13 DC  B H41    1 
ATOM   405 H H42    . DC  B 2 1  ? 1.258   8.469   15.794  1.00 0.00 ? 13 DC  B H42    1 
ATOM   406 H H5     . DC  B 2 1  ? -0.437  9.733   16.967  1.00 0.00 ? 13 DC  B H5     1 
ATOM   407 H H6     . DC  B 2 1  ? -1.960  11.608  16.735  1.00 0.00 ? 13 DC  B H6     1 
ATOM   408 H "HO5'" . DC  B 2 1  ? -4.906  15.686  17.062  1.00 0.00 ? 13 DC  B "HO5'" 1 
ATOM   409 P P      . DG  B 2 2  ? -6.442  14.358  14.449  1.00 0.00 ? 14 DG  B P      1 
ATOM   410 O OP1    . DG  B 2 2  ? -7.392  15.426  14.347  1.00 0.00 ? 14 DG  B OP1    1 
ATOM   411 O OP2    . DG  B 2 2  ? -6.805  13.192  15.186  1.00 0.00 ? 14 DG  B OP2    1 
ATOM   412 O "O5'"  . DG  B 2 2  ? -5.985  13.945  12.995  1.00 0.00 ? 14 DG  B "O5'"  1 
ATOM   413 C "C5'"  . DG  B 2 2  ? -5.653  14.810  12.024  1.00 0.00 ? 14 DG  B "C5'"  1 
ATOM   414 C "C4'"  . DG  B 2 2  ? -4.637  14.346  10.988  1.00 0.00 ? 14 DG  B "C4'"  1 
ATOM   415 O "O4'"  . DG  B 2 2  ? -3.547  13.588  11.546  1.00 0.00 ? 14 DG  B "O4'"  1 
ATOM   416 C "C3'"  . DG  B 2 2  ? -5.361  13.530  9.920   1.00 0.00 ? 14 DG  B "C3'"  1 
ATOM   417 O "O3'"  . DG  B 2 2  ? -5.133  14.150  8.657   1.00 0.00 ? 14 DG  B "O3'"  1 
ATOM   418 C "C2'"  . DG  B 2 2  ? -4.714  12.180  10.100  1.00 0.00 ? 14 DG  B "C2'"  1 
ATOM   419 C "C1'"  . DG  B 2 2  ? -3.368  12.444  10.718  1.00 0.00 ? 14 DG  B "C1'"  1 
ATOM   420 N N9     . DG  B 2 2  ? -2.787  11.324  11.435  1.00 0.00 ? 14 DG  B N9     1 
ATOM   421 C C8     . DG  B 2 2  ? -3.354  10.556  12.416  1.00 0.00 ? 14 DG  B C8     1 
ATOM   422 N N7     . DG  B 2 2  ? -2.561  9.639   12.853  1.00 0.00 ? 14 DG  B N7     1 
ATOM   423 C C5     . DG  B 2 2  ? -1.403  9.807   12.111  1.00 0.00 ? 14 DG  B C5     1 
ATOM   424 C C6     . DG  B 2 2  ? -0.165  9.092   12.111  1.00 0.00 ? 14 DG  B C6     1 
ATOM   425 O O6     . DG  B 2 2  ? 0.208   8.153   12.788  1.00 0.00 ? 14 DG  B O6     1 
ATOM   426 N N1     . DG  B 2 2  ? 0.729   9.581   11.187  1.00 0.00 ? 14 DG  B N1     1 
ATOM   427 C C2     . DG  B 2 2  ? 0.504   10.632  10.336  1.00 0.00 ? 14 DG  B C2     1 
ATOM   428 N N2     . DG  B 2 2  ? 1.420   10.985  9.462   1.00 0.00 ? 14 DG  B N2     1 
ATOM   429 N N3     . DG  B 2 2  ? -0.648  11.319  10.328  1.00 0.00 ? 14 DG  B N3     1 
ATOM   430 C C4     . DG  B 2 2  ? -1.544  10.841  11.238  1.00 0.00 ? 14 DG  B C4     1 
ATOM   431 H "H5'"  . DG  B 2 2  ? -5.275  15.597  12.491  1.00 0.00 ? 14 DG  B "H5'"  1 
ATOM   432 H "H5''" . DG  B 2 2  ? -6.458  15.076  11.579  1.00 0.00 ? 14 DG  B "H5''" 1 
ATOM   433 H "H4'"  . DG  B 2 2  ? -4.249  15.187  10.474  1.00 0.00 ? 14 DG  B "H4'"  1 
ATOM   434 H "H3'"  . DG  B 2 2  ? -6.402  13.502  10.117  1.00 0.00 ? 14 DG  B "H3'"  1 
ATOM   435 H "H2'"  . DG  B 2 2  ? -5.296  11.571  10.768  1.00 0.00 ? 14 DG  B "H2'"  1 
ATOM   436 H "H2''" . DG  B 2 2  ? -4.648  11.632  9.174   1.00 0.00 ? 14 DG  B "H2''" 1 
ATOM   437 H "H1'"  . DG  B 2 2  ? -2.723  12.712  9.894   1.00 0.00 ? 14 DG  B "H1'"  1 
ATOM   438 H H8     . DG  B 2 2  ? -4.361  10.722  12.785  1.00 0.00 ? 14 DG  B H8     1 
ATOM   439 H H1     . DG  B 2 2  ? 1.627   9.100   11.171  1.00 0.00 ? 14 DG  B H1     1 
ATOM   440 H H21    . DG  B 2 2  ? 2.368   10.654  9.556   1.00 0.00 ? 14 DG  B H21    1 
ATOM   441 H H22    . DG  B 2 2  ? 1.081   11.572  8.725   1.00 0.00 ? 14 DG  B H22    1 
ATOM   442 P P      . DC  B 2 3  ? -4.314  13.707  7.336   1.00 0.00 ? 15 DC  B P      1 
ATOM   443 O OP1    . DC  B 2 3  ? -4.398  14.821  6.392   1.00 0.00 ? 15 DC  B OP1    1 
ATOM   444 O OP2    . DC  B 2 3  ? -4.820  12.408  6.919   1.00 0.00 ? 15 DC  B OP2    1 
ATOM   445 O "O5'"  . DC  B 2 3  ? -2.801  13.540  7.801   1.00 0.00 ? 15 DC  B "O5'"  1 
ATOM   446 C "C5'"  . DC  B 2 3  ? -1.699  14.399  7.489   1.00 0.00 ? 15 DC  B "C5'"  1 
ATOM   447 C "C4'"  . DC  B 2 3  ? -0.621  13.746  6.621   1.00 0.00 ? 15 DC  B "C4'"  1 
ATOM   448 O "O4'"  . DC  B 2 3  ? -0.036  12.597  7.223   1.00 0.00 ? 15 DC  B "O4'"  1 
ATOM   449 C "C3'"  . DC  B 2 3  ? -1.142  13.398  5.209   1.00 0.00 ? 15 DC  B "C3'"  1 
ATOM   450 O "O3'"  . DC  B 2 3  ? -0.328  14.054  4.238   1.00 0.00 ? 15 DC  B "O3'"  1 
ATOM   451 C "C2'"  . DC  B 2 3  ? -0.961  11.889  5.137   1.00 0.00 ? 15 DC  B "C2'"  1 
ATOM   452 C "C1'"  . DC  B 2 3  ? -0.176  11.460  6.378   1.00 0.00 ? 15 DC  B "C1'"  1 
ATOM   453 N N1     . DC  B 2 3  ? -0.840  10.378  7.160   1.00 0.00 ? 15 DC  B N1     1 
ATOM   454 C C2     . DC  B 2 3  ? -0.101  9.266   7.456   1.00 0.00 ? 15 DC  B C2     1 
ATOM   455 O O2     . DC  B 2 3  ? 1.063   9.161   7.098   1.00 0.00 ? 15 DC  B O2     1 
ATOM   456 N N3     . DC  B 2 3  ? -0.648  8.249   8.170   1.00 0.00 ? 15 DC  B N3     1 
ATOM   457 C C4     . DC  B 2 3  ? -1.910  8.333   8.595   1.00 0.00 ? 15 DC  B C4     1 
ATOM   458 N N4     . DC  B 2 3  ? -2.410  7.346   9.309   1.00 0.00 ? 15 DC  B N4     1 
ATOM   459 C C5     . DC  B 2 3  ? -2.716  9.473   8.311   1.00 0.00 ? 15 DC  B C5     1 
ATOM   460 C C6     . DC  B 2 3  ? -2.137  10.478  7.583   1.00 0.00 ? 15 DC  B C6     1 
ATOM   461 H "H5'"  . DC  B 2 3  ? -1.253  14.709  8.385   1.00 0.00 ? 15 DC  B "H5'"  1 
ATOM   462 H "H5''" . DC  B 2 3  ? -2.067  15.290  7.018   1.00 0.00 ? 15 DC  B "H5''" 1 
ATOM   463 H "H4'"  . DC  B 2 3  ? 0.155   14.464  6.462   1.00 0.00 ? 15 DC  B "H4'"  1 
ATOM   464 H "H3'"  . DC  B 2 3  ? -2.151  13.750  5.053   1.00 0.00 ? 15 DC  B "H3'"  1 
ATOM   465 H "H2'"  . DC  B 2 3  ? -1.925  11.405  5.131   1.00 0.00 ? 15 DC  B "H2'"  1 
ATOM   466 H "H2''" . DC  B 2 3  ? -0.422  11.637  4.236   1.00 0.00 ? 15 DC  B "H2''" 1 
ATOM   467 H "H1'"  . DC  B 2 3  ? 0.792   11.124  6.018   1.00 0.00 ? 15 DC  B "H1'"  1 
ATOM   468 H H41    . DC  B 2 3  ? -1.813  6.627   9.646   1.00 0.00 ? 15 DC  B H41    1 
ATOM   469 H H42    . DC  B 2 3  ? -3.380  7.321   9.516   1.00 0.00 ? 15 DC  B H42    1 
ATOM   470 H H5     . DC  B 2 3  ? -3.739  9.525   8.659   1.00 0.00 ? 15 DC  B H5     1 
ATOM   471 H H6     . DC  B 2 3  ? -2.703  11.368  7.331   1.00 0.00 ? 15 DC  B H6     1 
ATOM   472 P P      . DA  B 2 4  ? -0.555  14.066  2.640   1.00 0.00 ? 16 DA  B P      1 
ATOM   473 O OP1    . DA  B 2 4  ? -0.456  15.401  2.147   1.00 0.00 ? 16 DA  B OP1    1 
ATOM   474 O OP2    . DA  B 2 4  ? -1.735  13.313  2.356   1.00 0.00 ? 16 DA  B OP2    1 
ATOM   475 O "O5'"  . DA  B 2 4  ? 0.644   13.275  2.116   1.00 0.00 ? 16 DA  B "O5'"  1 
ATOM   476 C "C5'"  . DA  B 2 4  ? 1.820   12.899  2.788   1.00 0.00 ? 16 DA  B "C5'"  1 
ATOM   477 C "C4'"  . DA  B 2 4  ? 2.303   11.473  2.447   1.00 0.00 ? 16 DA  B "C4'"  1 
ATOM   478 O "O4'"  . DA  B 2 4  ? 1.760   10.488  3.355   1.00 0.00 ? 16 DA  B "O4'"  1 
ATOM   479 C "C3'"  . DA  B 2 4  ? 1.915   11.031  1.012   1.00 0.00 ? 16 DA  B "C3'"  1 
ATOM   480 O "O3'"  . DA  B 2 4  ? 3.119   10.661  0.272   1.00 0.00 ? 16 DA  B "O3'"  1 
ATOM   481 C "C2'"  . DA  B 2 4  ? 0.933   9.901   1.247   1.00 0.00 ? 16 DA  B "C2'"  1 
ATOM   482 C "C1'"  . DA  B 2 4  ? 1.225   9.402   2.638   1.00 0.00 ? 16 DA  B "C1'"  1 
ATOM   483 N N9     . DA  B 2 4  ? 0.102   8.788   3.360   1.00 0.00 ? 16 DA  B N9     1 
ATOM   484 C C8     . DA  B 2 4  ? -1.227  9.026   3.284   1.00 0.00 ? 16 DA  B C8     1 
ATOM   485 N N7     . DA  B 2 4  ? -1.973  8.321   4.081   1.00 0.00 ? 16 DA  B N7     1 
ATOM   486 C C5     . DA  B 2 4  ? -1.032  7.529   4.740   1.00 0.00 ? 16 DA  B C5     1 
ATOM   487 C C6     . DA  B 2 4  ? -1.127  6.467   5.663   1.00 0.00 ? 16 DA  B C6     1 
ATOM   488 N N6     . DA  B 2 4  ? -2.310  6.110   6.177   1.00 0.00 ? 16 DA  B N6     1 
ATOM   489 N N1     . DA  B 2 4  ? -0.005  5.833   6.026   1.00 0.00 ? 16 DA  B N1     1 
ATOM   490 C C2     . DA  B 2 4  ? 1.162   6.232   5.506   1.00 0.00 ? 16 DA  B C2     1 
ATOM   491 N N3     . DA  B 2 4  ? 1.361   7.195   4.641   1.00 0.00 ? 16 DA  B N3     1 
ATOM   492 C C4     . DA  B 2 4  ? 0.221   7.810   4.298   1.00 0.00 ? 16 DA  B C4     1 
ATOM   493 H "H5'"  . DA  B 2 4  ? 1.592   12.985  3.824   1.00 0.00 ? 16 DA  B "H5'"  1 
ATOM   494 H "H5''" . DA  B 2 4  ? 2.579   13.553  2.571   1.00 0.00 ? 16 DA  B "H5''" 1 
ATOM   495 H "H4'"  . DA  B 2 4  ? 3.369   11.443  2.520   1.00 0.00 ? 16 DA  B "H4'"  1 
ATOM   496 H "H3'"  . DA  B 2 4  ? 1.479   11.880  0.508   1.00 0.00 ? 16 DA  B "H3'"  1 
ATOM   497 H "H2'"  . DA  B 2 4  ? -0.100  10.207  1.144   1.00 0.00 ? 16 DA  B "H2'"  1 
ATOM   498 H "H2''" . DA  B 2 4  ? 1.038   9.096   0.532   1.00 0.00 ? 16 DA  B "H2''" 1 
ATOM   499 H "H1'"  . DA  B 2 4  ? 2.007   8.656   2.606   1.00 0.00 ? 16 DA  B "H1'"  1 
ATOM   500 H H8     . DA  B 2 4  ? -1.654  9.752   2.595   1.00 0.00 ? 16 DA  B H8     1 
ATOM   501 H H61    . DA  B 2 4  ? -2.402  5.354   6.845   1.00 0.00 ? 16 DA  B H61    1 
ATOM   502 H H62    . DA  B 2 4  ? -3.134  6.628   5.892   1.00 0.00 ? 16 DA  B H62    1 
ATOM   503 H H2     . DA  B 2 4  ? 2.075   5.756   5.823   1.00 0.00 ? 16 DA  B H2     1 
ATOM   504 P P      . DT  B 2 5  ? 3.846   9.226   0.184   1.00 0.00 ? 17 DT  B P      1 
ATOM   505 O OP1    . DT  B 2 5  ? 5.182   9.418   -0.354  1.00 0.00 ? 17 DT  B OP1    1 
ATOM   506 O OP2    . DT  B 2 5  ? 2.931   8.307   -0.483  1.00 0.00 ? 17 DT  B OP2    1 
ATOM   507 O "O5'"  . DT  B 2 5  ? 4.021   8.792   1.703   1.00 0.00 ? 17 DT  B "O5'"  1 
ATOM   508 C "C5'"  . DT  B 2 5  ? 5.175   8.247   2.286   1.00 0.00 ? 17 DT  B "C5'"  1 
ATOM   509 C "C4'"  . DT  B 2 5  ? 5.226   6.749   2.215   1.00 0.00 ? 17 DT  B "C4'"  1 
ATOM   510 O "O4'"  . DT  B 2 5  ? 3.976   6.273   2.669   1.00 0.00 ? 17 DT  B "O4'"  1 
ATOM   511 C "C3'"  . DT  B 2 5  ? 5.573   6.142   0.843   1.00 0.00 ? 17 DT  B "C3'"  1 
ATOM   512 O "O3'"  . DT  B 2 5  ? 6.550   5.130   0.987   1.00 0.00 ? 17 DT  B "O3'"  1 
ATOM   513 C "C2'"  . DT  B 2 5  ? 4.277   5.463   0.470   1.00 0.00 ? 17 DT  B "C2'"  1 
ATOM   514 C "C1'"  . DT  B 2 5  ? 3.520   5.240   1.759   1.00 0.00 ? 17 DT  B "C1'"  1 
ATOM   515 N N1     . DT  B 2 5  ? 2.025   5.206   1.807   1.00 0.00 ? 17 DT  B N1     1 
ATOM   516 C C2     . DT  B 2 5  ? 1.434   4.362   2.749   1.00 0.00 ? 17 DT  B C2     1 
ATOM   517 O O2     . DT  B 2 5  ? 2.052   3.670   3.551   1.00 0.00 ? 17 DT  B O2     1 
ATOM   518 N N3     . DT  B 2 5  ? 0.059   4.353   2.779   1.00 0.00 ? 17 DT  B N3     1 
ATOM   519 C C4     . DT  B 2 5  ? -0.786  5.098   1.990   1.00 0.00 ? 17 DT  B C4     1 
ATOM   520 O O4     . DT  B 2 5  ? -1.991  4.972   2.131   1.00 0.00 ? 17 DT  B O4     1 
ATOM   521 C C5     . DT  B 2 5  ? -0.108  5.949   1.045   1.00 0.00 ? 17 DT  B C5     1 
ATOM   522 C C7     . DT  B 2 5  ? -0.920  6.808   0.103   1.00 0.00 ? 17 DT  B C7     1 
ATOM   523 C C6     . DT  B 2 5  ? 1.242   5.983   0.975   1.00 0.00 ? 17 DT  B C6     1 
ATOM   524 H "H5'"  . DT  B 2 5  ? 5.240   8.509   3.318   1.00 0.00 ? 17 DT  B "H5'"  1 
ATOM   525 H "H5''" . DT  B 2 5  ? 6.043   8.662   1.801   1.00 0.00 ? 17 DT  B "H5''" 1 
ATOM   526 H "H4'"  . DT  B 2 5  ? 5.977   6.465   2.925   1.00 0.00 ? 17 DT  B "H4'"  1 
ATOM   527 H "H3'"  . DT  B 2 5  ? 5.886   6.929   0.168   1.00 0.00 ? 17 DT  B "H3'"  1 
ATOM   528 H "H2'"  . DT  B 2 5  ? 3.755   6.072   -0.255  1.00 0.00 ? 17 DT  B "H2'"  1 
ATOM   529 H "H2''" . DT  B 2 5  ? 4.431   4.516   -0.003  1.00 0.00 ? 17 DT  B "H2''" 1 
ATOM   530 H "H1'"  . DT  B 2 5  ? 3.916   4.305   2.136   1.00 0.00 ? 17 DT  B "H1'"  1 
ATOM   531 H H3     . DT  B 2 5  ? -0.316  3.708   3.469   1.00 0.00 ? 17 DT  B H3     1 
ATOM   532 H H71    . DT  B 2 5  ? -1.253  6.923   -0.259  1.00 0.00 ? 17 DT  B H71    1 
ATOM   533 H H72    . DT  B 2 5  ? -1.203  7.078   -0.001  1.00 0.00 ? 17 DT  B H72    1 
ATOM   534 H H73    . DT  B 2 5  ? -1.001  7.049   -0.186  1.00 0.00 ? 17 DT  B H73    1 
ATOM   535 H H6     . DT  B 2 5  ? 1.714   6.631   0.250   1.00 0.00 ? 17 DT  B H6     1 
ATOM   536 P P      . DT  B 2 6  ? 7.185   4.217   -0.183  1.00 0.00 ? 18 DT  B P      1 
ATOM   537 O OP1    . DT  B 2 6  ? 7.995   5.050   -1.057  1.00 0.00 ? 18 DT  B OP1    1 
ATOM   538 O OP2    . DT  B 2 6  ? 6.090   3.437   -0.773  1.00 0.00 ? 18 DT  B OP2    1 
ATOM   539 O "O5'"  . DT  B 2 6  ? 8.129   3.198   0.593   1.00 0.00 ? 18 DT  B "O5'"  1 
ATOM   540 C "C5'"  . DT  B 2 6  ? 8.139   3.054   2.022   1.00 0.00 ? 18 DT  B "C5'"  1 
ATOM   541 C "C4'"  . DT  B 2 6  ? 7.412   1.818   2.569   1.00 0.00 ? 18 DT  B "C4'"  1 
ATOM   542 O "O4'"  . DT  B 2 6  ? 6.012   2.017   2.723   1.00 0.00 ? 18 DT  B "O4'"  1 
ATOM   543 C "C3'"  . DT  B 2 6  ? 7.561   0.549   1.723   1.00 0.00 ? 18 DT  B "C3'"  1 
ATOM   544 O "O3'"  . DT  B 2 6  ? 8.406   -0.368  2.358   1.00 0.00 ? 18 DT  B "O3'"  1 
ATOM   545 C "C2'"  . DT  B 2 6  ? 6.145   -0.053  1.619   1.00 0.00 ? 18 DT  B "C2'"  1 
ATOM   546 C "C1'"  . DT  B 2 6  ? 5.240   0.839   2.444   1.00 0.00 ? 18 DT  B "C1'"  1 
ATOM   547 N N1     . DT  B 2 6  ? 3.988   1.204   1.751   1.00 0.00 ? 18 DT  B N1     1 
ATOM   548 C C2     . DT  B 2 6  ? 2.792   0.860   2.349   1.00 0.00 ? 18 DT  B C2     1 
ATOM   549 O O2     . DT  B 2 6  ? 2.699   0.261   3.409   1.00 0.00 ? 18 DT  B O2     1 
ATOM   550 N N3     . DT  B 2 6  ? 1.656   1.228   1.670   1.00 0.00 ? 18 DT  B N3     1 
ATOM   551 C C4     . DT  B 2 6  ? 1.583   1.879   0.476   1.00 0.00 ? 18 DT  B C4     1 
ATOM   552 O O4     . DT  B 2 6  ? 0.489   2.157   0.011   1.00 0.00 ? 18 DT  B O4     1 
ATOM   553 C C5     . DT  B 2 6  ? 2.866   2.194   -0.088  1.00 0.00 ? 18 DT  B C5     1 
ATOM   554 C C7     . DT  B 2 6  ? 2.905   2.924   -1.426  1.00 0.00 ? 18 DT  B C7     1 
ATOM   555 C C6     . DT  B 2 6  ? 4.021   1.845   0.562   1.00 0.00 ? 18 DT  B C6     1 
ATOM   556 H "H5'"  . DT  B 2 6  ? 7.715   3.947   2.463   1.00 0.00 ? 18 DT  B "H5'"  1 
ATOM   557 H "H5''" . DT  B 2 6  ? 9.165   2.994   2.330   1.00 0.00 ? 18 DT  B "H5''" 1 
ATOM   558 H "H4'"  . DT  B 2 6  ? 7.835   1.540   3.518   1.00 0.00 ? 18 DT  B "H4'"  1 
ATOM   559 H "H3'"  . DT  B 2 6  ? 7.983   0.840   0.767   1.00 0.00 ? 18 DT  B "H3'"  1 
ATOM   560 H "H2'"  . DT  B 2 6  ? 5.821   -0.070  0.584   1.00 0.00 ? 18 DT  B "H2'"  1 
ATOM   561 H "H2''" . DT  B 2 6  ? 6.158   -1.066  1.986   1.00 0.00 ? 18 DT  B "H2''" 1 
ATOM   562 H "H1'"  . DT  B 2 6  ? 5.025   0.341   3.377   1.00 0.00 ? 18 DT  B "H1'"  1 
ATOM   563 H H3     . DT  B 2 6  ? 0.770   0.997   2.098   1.00 0.00 ? 18 DT  B H3     1 
ATOM   564 H H71    . DT  B 2 6  ? 2.698   2.835   -1.891  1.00 0.00 ? 18 DT  B H71    1 
ATOM   565 H H72    . DT  B 2 6  ? 2.706   3.370   -1.692  1.00 0.00 ? 18 DT  B H72    1 
ATOM   566 H H73    . DT  B 2 6  ? 3.281   2.991   -1.662  1.00 0.00 ? 18 DT  B H73    1 
ATOM   567 H H6     . DT  B 2 6  ? 4.989   2.093   0.142   1.00 0.00 ? 18 DT  B H6     1 
HETATM 568 P P      . AAB B 2 7  ? 8.923   -1.756  1.696   1.00 0.00 ? 19 AAB B P      1 
HETATM 569 O O1P    . AAB B 2 7  ? 9.369   -1.459  0.359   1.00 0.00 ? 19 AAB B O1P    1 
HETATM 570 O O2P    . AAB B 2 7  ? 9.830   -2.380  2.643   1.00 0.00 ? 19 AAB B O2P    1 
HETATM 571 O "O5'"  . AAB B 2 7  ? 7.638   -2.683  1.637   1.00 0.00 ? 19 AAB B "O5'"  1 
HETATM 572 C "C5'"  . AAB B 2 7  ? 7.016   -3.131  0.433   1.00 0.00 ? 19 AAB B "C5'"  1 
HETATM 573 C "C4'"  . AAB B 2 7  ? 5.522   -3.117  0.504   1.00 0.00 ? 19 AAB B "C4'"  1 
HETATM 574 O "O4'"  . AAB B 2 7  ? 5.074   -1.834  0.084   1.00 0.00 ? 19 AAB B "O4'"  1 
HETATM 575 C "C1'"  . AAB B 2 7  ? 3.735   -1.928  -0.450  1.00 0.00 ? 19 AAB B "C1'"  1 
HETATM 576 O "O1'"  . AAB B 2 7  ? 3.626   -1.046  -1.551  1.00 0.00 ? 19 AAB B "O1'"  1 
HETATM 577 C "C2'"  . AAB B 2 7  ? 3.602   -3.362  -0.844  1.00 0.00 ? 19 AAB B "C2'"  1 
HETATM 578 C "C3'"  . AAB B 2 7  ? 4.820   -4.139  -0.330  1.00 0.00 ? 19 AAB B "C3'"  1 
HETATM 579 O "O3'"  . AAB B 2 7  ? 4.302   -5.180  0.481   1.00 0.00 ? 19 AAB B "O3'"  1 
HETATM 580 H "H5'1" . AAB B 2 7  ? 7.345   -4.099  0.160   1.00 0.00 ? 19 AAB B "H5'1" 1 
HETATM 581 H "H5'2" . AAB B 2 7  ? 7.257   -2.429  -0.316  1.00 0.00 ? 19 AAB B "H5'2" 1 
HETATM 582 H "H4'"  . AAB B 2 7  ? 5.298   -3.246  1.514   1.00 0.00 ? 19 AAB B "H4'"  1 
HETATM 583 H "H1'"  . AAB B 2 7  ? 3.083   -1.563  0.315   1.00 0.00 ? 19 AAB B "H1'"  1 
HETATM 584 H "HO1'" . AAB B 2 7  ? 3.834   -1.033  -1.908  1.00 0.00 ? 19 AAB B "HO1'" 1 
HETATM 585 H "H2'1" . AAB B 2 7  ? 2.704   -3.799  -0.461  1.00 0.00 ? 19 AAB B "H2'1" 1 
HETATM 586 H "H2'2" . AAB B 2 7  ? 3.537   -3.306  -1.908  1.00 0.00 ? 19 AAB B "H2'2" 1 
HETATM 587 H "H3'"  . AAB B 2 7  ? 5.578   -4.525  -0.988  1.00 0.00 ? 19 AAB B "H3'"  1 
ATOM   588 P P      . DT  B 2 8  ? 5.095   -6.422  1.049   1.00 0.00 ? 20 DT  B P      1 
ATOM   589 O OP1    . DT  B 2 8  ? 5.375   -6.166  2.404   1.00 0.00 ? 20 DT  B OP1    1 
ATOM   590 O OP2    . DT  B 2 8  ? 6.167   -6.667  0.154   1.00 0.00 ? 20 DT  B OP2    1 
ATOM   591 O "O5'"  . DT  B 2 8  ? 4.087   -7.642  0.947   1.00 0.00 ? 20 DT  B "O5'"  1 
ATOM   592 C "C5'"  . DT  B 2 8  ? 3.532   -8.448  1.939   1.00 0.00 ? 20 DT  B "C5'"  1 
ATOM   593 C "C4'"  . DT  B 2 8  ? 2.038   -8.735  1.791   1.00 0.00 ? 20 DT  B "C4'"  1 
ATOM   594 O "O4'"  . DT  B 2 8  ? 1.369   -7.677  1.106   1.00 0.00 ? 20 DT  B "O4'"  1 
ATOM   595 C "C3'"  . DT  B 2 8  ? 1.797   -10.008 0.959   1.00 0.00 ? 20 DT  B "C3'"  1 
ATOM   596 O "O3'"  . DT  B 2 8  ? 0.923   -10.979 1.581   1.00 0.00 ? 20 DT  B "O3'"  1 
ATOM   597 C "C2'"  . DT  B 2 8  ? 1.261   -9.535  -0.345  1.00 0.00 ? 20 DT  B "C2'"  1 
ATOM   598 C "C1'"  . DT  B 2 8  ? 0.875   -8.089  -0.172  1.00 0.00 ? 20 DT  B "C1'"  1 
ATOM   599 N N1     . DT  B 2 8  ? 1.403   -7.174  -1.219  1.00 0.00 ? 20 DT  B N1     1 
ATOM   600 C C2     . DT  B 2 8  ? 0.524   -6.308  -1.848  1.00 0.00 ? 20 DT  B C2     1 
ATOM   601 O O2     . DT  B 2 8  ? -0.686  -6.266  -1.640  1.00 0.00 ? 20 DT  B O2     1 
ATOM   602 N N3     . DT  B 2 8  ? 1.075   -5.486  -2.788  1.00 0.00 ? 20 DT  B N3     1 
ATOM   603 C C4     . DT  B 2 8  ? 2.396   -5.419  -3.177  1.00 0.00 ? 20 DT  B C4     1 
ATOM   604 O O4     . DT  B 2 8  ? 2.723   -4.624  -4.052  1.00 0.00 ? 20 DT  B O4     1 
ATOM   605 C C5     . DT  B 2 8  ? 3.227   -6.349  -2.469  1.00 0.00 ? 20 DT  B C5     1 
ATOM   606 C C7     . DT  B 2 8  ? 4.717   -6.389  -2.808  1.00 0.00 ? 20 DT  B C7     1 
ATOM   607 C C6     . DT  B 2 8  ? 2.713   -7.170  -1.537  1.00 0.00 ? 20 DT  B C6     1 
ATOM   608 H "H5'"  . DT  B 2 8  ? 3.655   -7.958  2.853   1.00 0.00 ? 20 DT  B "H5'"  1 
ATOM   609 H "H5''" . DT  B 2 8  ? 4.060   -9.341  1.950   1.00 0.00 ? 20 DT  B "H5''" 1 
ATOM   610 H "H4'"  . DT  B 2 8  ? 1.563   -8.847  2.743   1.00 0.00 ? 20 DT  B "H4'"  1 
ATOM   611 H "H3'"  . DT  B 2 8  ? 2.754   -10.478 0.854   1.00 0.00 ? 20 DT  B "H3'"  1 
ATOM   612 H "H2'"  . DT  B 2 8  ? 1.997   -9.653  -1.127  1.00 0.00 ? 20 DT  B "H2'"  1 
ATOM   613 H "H2''" . DT  B 2 8  ? 0.401   -10.139 -0.604  1.00 0.00 ? 20 DT  B "H2''" 1 
ATOM   614 H "H1'"  . DT  B 2 8  ? -0.197  -8.048  -0.142  1.00 0.00 ? 20 DT  B "H1'"  1 
ATOM   615 H H3     . DT  B 2 8  ? 0.450   -4.861  -3.251  1.00 0.00 ? 20 DT  B H3     1 
ATOM   616 H H71    . DT  B 2 8  ? 5.023   -6.390  -3.166  1.00 0.00 ? 20 DT  B H71    1 
ATOM   617 H H72    . DT  B 2 8  ? 5.157   -6.179  -2.788  1.00 0.00 ? 20 DT  B H72    1 
ATOM   618 H H73    . DT  B 2 8  ? 5.144   -6.567  -2.777  1.00 0.00 ? 20 DT  B H73    1 
ATOM   619 H H6     . DT  B 2 8  ? 3.429   -7.831  -1.064  1.00 0.00 ? 20 DT  B H6     1 
ATOM   620 P P      . DT  B 2 9  ? -0.618  -10.802 2.014   1.00 0.00 ? 21 DT  B P      1 
ATOM   621 O OP1    . DT  B 2 9  ? -0.732  -9.682  2.942   1.00 0.00 ? 21 DT  B OP1    1 
ATOM   622 O OP2    . DT  B 2 9  ? -1.139  -12.101 2.434   1.00 0.00 ? 21 DT  B OP2    1 
ATOM   623 O "O5'"  . DT  B 2 9  ? -1.355  -10.379 0.669   1.00 0.00 ? 21 DT  B "O5'"  1 
ATOM   624 C "C5'"  . DT  B 2 9  ? -2.579  -10.027 0.464   1.00 0.00 ? 21 DT  B "C5'"  1 
ATOM   625 C "C4'"  . DT  B 2 9  ? -3.201  -9.589  -0.760  1.00 0.00 ? 21 DT  B "C4'"  1 
ATOM   626 O "O4'"  . DT  B 2 9  ? -2.302  -8.743  -1.505  1.00 0.00 ? 21 DT  B "O4'"  1 
ATOM   627 C "C3'"  . DT  B 2 9  ? -3.656  -10.694 -1.640  1.00 0.00 ? 21 DT  B "C3'"  1 
ATOM   628 O "O3'"  . DT  B 2 9  ? -5.004  -10.618 -1.966  1.00 0.00 ? 21 DT  B "O3'"  1 
ATOM   629 C "C2'"  . DT  B 2 9  ? -2.822  -10.471 -2.876  1.00 0.00 ? 21 DT  B "C2'"  1 
ATOM   630 C "C1'"  . DT  B 2 9  ? -2.410  -9.025  -2.849  1.00 0.00 ? 21 DT  B "C1'"  1 
ATOM   631 N N1     . DT  B 2 9  ? -1.232  -8.623  -3.629  1.00 0.00 ? 21 DT  B N1     1 
ATOM   632 C C2     . DT  B 2 9  ? -1.291  -7.429  -4.270  1.00 0.00 ? 21 DT  B C2     1 
ATOM   633 O O2     . DT  B 2 9  ? -2.299  -6.725  -4.261  1.00 0.00 ? 21 DT  B O2     1 
ATOM   634 N N3     . DT  B 2 9  ? -0.170  -7.050  -4.975  1.00 0.00 ? 21 DT  B N3     1 
ATOM   635 C C4     . DT  B 2 9  ? 0.970   -7.764  -5.087  1.00 0.00 ? 21 DT  B C4     1 
ATOM   636 O O4     . DT  B 2 9  ? 1.854   -7.268  -5.771  1.00 0.00 ? 21 DT  B O4     1 
ATOM   637 C C5     . DT  B 2 9  ? 0.969   -9.028  -4.386  1.00 0.00 ? 21 DT  B C5     1 
ATOM   638 C C7     . DT  B 2 9  ? 2.192   -9.926  -4.425  1.00 0.00 ? 21 DT  B C7     1 
ATOM   639 C C6     . DT  B 2 9  ? -0.111  -9.387  -3.702  1.00 0.00 ? 21 DT  B C6     1 
ATOM   640 H "H5'"  . DT  B 2 9  ? -2.697  -9.456  0.990   1.00 0.00 ? 21 DT  B "H5'"  1 
ATOM   641 H "H5''" . DT  B 2 9  ? -3.066  -10.635 0.632   1.00 0.00 ? 21 DT  B "H5''" 1 
ATOM   642 H "H4'"  . DT  B 2 9  ? -4.024  -8.970  -0.521  1.00 0.00 ? 21 DT  B "H4'"  1 
ATOM   643 H "H3'"  . DT  B 2 9  ? -3.469  -11.620 -1.160  1.00 0.00 ? 21 DT  B "H3'"  1 
ATOM   644 H "H2'"  . DT  B 2 9  ? -2.042  -11.114 -2.909  1.00 0.00 ? 21 DT  B "H2'"  1 
ATOM   645 H "H2''" . DT  B 2 9  ? -3.418  -10.598 -3.688  1.00 0.00 ? 21 DT  B "H2''" 1 
ATOM   646 H "H1'"  . DT  B 2 9  ? -3.170  -8.413  -3.176  1.00 0.00 ? 21 DT  B "H1'"  1 
ATOM   647 H H3     . DT  B 2 9  ? -0.216  -6.171  -5.468  1.00 0.00 ? 21 DT  B H3     1 
ATOM   648 H H71    . DT  B 2 9  ? 2.593   -10.001 -4.114  1.00 0.00 ? 21 DT  B H71    1 
ATOM   649 H H72    . DT  B 2 9  ? 2.323   -10.433 -4.466  1.00 0.00 ? 21 DT  B H72    1 
ATOM   650 H H73    . DT  B 2 9  ? 2.603   -9.942  -4.760  1.00 0.00 ? 21 DT  B H73    1 
ATOM   651 H H6     . DT  B 2 9  ? -0.036  -10.335 -3.185  1.00 0.00 ? 21 DT  B H6     1 
ATOM   652 P P      . DG  B 2 10 ? -6.293  -11.170 -1.563  1.00 0.00 ? 22 DG  B P      1 
ATOM   653 O OP1    . DG  B 2 10 ? -6.484  -10.835 -0.559  1.00 0.00 ? 22 DG  B OP1    1 
ATOM   654 O OP2    . DG  B 2 10 ? -6.243  -12.237 -1.772  1.00 0.00 ? 22 DG  B OP2    1 
ATOM   655 O "O5'"  . DG  B 2 10 ? -7.425  -10.796 -2.279  1.00 0.00 ? 22 DG  B "O5'"  1 
ATOM   656 C "C5'"  . DG  B 2 10 ? -7.938  -9.632  -2.461  1.00 0.00 ? 22 DG  B "C5'"  1 
ATOM   657 C "C4'"  . DG  B 2 10 ? -8.183  -8.943  -3.692  1.00 0.00 ? 22 DG  B "C4'"  1 
ATOM   658 O "O4'"  . DG  B 2 10 ? -6.895  -8.645  -4.165  1.00 0.00 ? 22 DG  B "O4'"  1 
ATOM   659 C "C3'"  . DG  B 2 10 ? -8.990  -9.706  -4.708  1.00 0.00 ? 22 DG  B "C3'"  1 
ATOM   660 O "O3'"  . DG  B 2 10 ? -10.004 -8.962  -5.209  1.00 0.00 ? 22 DG  B "O3'"  1 
ATOM   661 C "C2'"  . DG  B 2 10 ? -7.930  -10.049 -5.716  1.00 0.00 ? 22 DG  B "C2'"  1 
ATOM   662 C "C1'"  . DG  B 2 10 ? -6.765  -9.133  -5.460  1.00 0.00 ? 22 DG  B "C1'"  1 
ATOM   663 N N9     . DG  B 2 10 ? -5.448  -9.681  -5.685  1.00 0.00 ? 22 DG  B N9     1 
ATOM   664 C C8     . DG  B 2 10 ? -4.965  -10.908 -5.332  1.00 0.00 ? 22 DG  B C8     1 
ATOM   665 N N7     . DG  B 2 10 ? -3.745  -11.086 -5.688  1.00 0.00 ? 22 DG  B N7     1 
ATOM   666 C C5     . DG  B 2 10 ? -3.380  -9.939  -6.313  1.00 0.00 ? 22 DG  B C5     1 
ATOM   667 C C6     . DG  B 2 10 ? -2.190  -9.596  -6.990  1.00 0.00 ? 22 DG  B C6     1 
ATOM   668 O O6     . DG  B 2 10 ? -1.149  -10.250 -7.073  1.00 0.00 ? 22 DG  B O6     1 
ATOM   669 N N1     . DG  B 2 10 ? -2.254  -8.375  -7.608  1.00 0.00 ? 22 DG  B N1     1 
ATOM   670 C C2     . DG  B 2 10 ? -3.357  -7.566  -7.561  1.00 0.00 ? 22 DG  B C2     1 
ATOM   671 N N2     . DG  B 2 10 ? -3.266  -6.454  -8.233  1.00 0.00 ? 22 DG  B N2     1 
ATOM   672 N N3     . DG  B 2 10 ? -4.491  -7.859  -6.921  1.00 0.00 ? 22 DG  B N3     1 
ATOM   673 C C4     . DG  B 2 10 ? -4.427  -9.059  -6.317  1.00 0.00 ? 22 DG  B C4     1 
ATOM   674 H "H5'"  . DG  B 2 10 ? -7.424  -9.253  -1.996  1.00 0.00 ? 22 DG  B "H5'"  1 
ATOM   675 H "H5''" . DG  B 2 10 ? -8.671  -9.591  -2.211  1.00 0.00 ? 22 DG  B "H5''" 1 
ATOM   676 H "H4'"  . DG  B 2 10 ? -8.710  -8.082  -3.435  1.00 0.00 ? 22 DG  B "H4'"  1 
ATOM   677 H "H3'"  . DG  B 2 10 ? -9.393  -10.552 -4.275  1.00 0.00 ? 22 DG  B "H3'"  1 
ATOM   678 H "H2'"  . DG  B 2 10 ? -7.639  -11.084 -5.641  1.00 0.00 ? 22 DG  B "H2'"  1 
ATOM   679 H "H2''" . DG  B 2 10 ? -8.282  -9.903  -6.725  1.00 0.00 ? 22 DG  B "H2''" 1 
ATOM   680 H "H1'"  . DG  B 2 10 ? -6.793  -8.278  -6.090  1.00 0.00 ? 22 DG  B "H1'"  1 
ATOM   681 H H8     . DG  B 2 10 ? -5.553  -11.643 -4.797  1.00 0.00 ? 22 DG  B H8     1 
ATOM   682 H H1     . DG  B 2 10 ? -1.406  -8.104  -8.064  1.00 0.00 ? 22 DG  B H1     1 
ATOM   683 H H21    . DG  B 2 10 ? -2.395  -6.185  -8.670  1.00 0.00 ? 22 DG  B H21    1 
ATOM   684 H H22    . DG  B 2 10 ? -4.072  -5.881  -8.323  1.00 0.00 ? 22 DG  B H22    1 
ATOM   685 P P      . DC  B 2 11 ? -10.700 -8.540  -6.508  1.00 0.00 ? 23 DC  B P      1 
ATOM   686 O OP1    . DC  B 2 11 ? -10.601 -7.154  -6.566  1.00 0.00 ? 23 DC  B OP1    1 
ATOM   687 O OP2    . DC  B 2 11 ? -11.977 -9.155  -6.529  1.00 0.00 ? 23 DC  B OP2    1 
ATOM   688 O "O5'"  . DC  B 2 11 ? -9.838  -9.126  -7.734  1.00 0.00 ? 23 DC  B "O5'"  1 
ATOM   689 C "C5'"  . DC  B 2 11 ? -9.405  -8.339  -8.867  1.00 0.00 ? 23 DC  B "C5'"  1 
ATOM   690 C "C4'"  . DC  B 2 11 ? -7.945  -7.942  -8.767  1.00 0.00 ? 23 DC  B "C4'"  1 
ATOM   691 O "O4'"  . DC  B 2 11 ? -7.086  -9.052  -8.458  1.00 0.00 ? 23 DC  B "O4'"  1 
ATOM   692 C "C3'"  . DC  B 2 11 ? -7.416  -7.334  -10.082 1.00 0.00 ? 23 DC  B "C3'"  1 
ATOM   693 O "O3'"  . DC  B 2 11 ? -6.450  -6.265  -9.894  1.00 0.00 ? 23 DC  B "O3'"  1 
ATOM   694 C "C2'"  . DC  B 2 11 ? -6.582  -8.467  -10.574 1.00 0.00 ? 23 DC  B "C2'"  1 
ATOM   695 C "C1'"  . DC  B 2 11 ? -6.002  -9.009  -9.331  1.00 0.00 ? 23 DC  B "C1'"  1 
ATOM   696 N N1     . DC  B 2 11 ? -5.235  -10.249 -9.456  1.00 0.00 ? 23 DC  B N1     1 
ATOM   697 C C2     . DC  B 2 11 ? -3.956  -10.166 -9.951  1.00 0.00 ? 23 DC  B C2     1 
ATOM   698 O O2     . DC  B 2 11 ? -3.450  -9.123  -10.304 1.00 0.00 ? 23 DC  B O2     1 
ATOM   699 N N3     . DC  B 2 11 ? -3.224  -11.293 -10.043 1.00 0.00 ? 23 DC  B N3     1 
ATOM   700 C C4     . DC  B 2 11 ? -3.701  -12.479 -9.677  1.00 0.00 ? 23 DC  B C4     1 
ATOM   701 N N4     . DC  B 2 11 ? -2.865  -13.530 -9.759  1.00 0.00 ? 23 DC  B N4     1 
ATOM   702 C C5     . DC  B 2 11 ? -5.038  -12.590 -9.164  1.00 0.00 ? 23 DC  B C5     1 
ATOM   703 C C6     . DC  B 2 11 ? -5.772  -11.438 -9.070  1.00 0.00 ? 23 DC  B C6     1 
ATOM   704 H "H5'"  . DC  B 2 11 ? -9.952  -7.437  -8.888  1.00 0.00 ? 23 DC  B "H5'"  1 
ATOM   705 H "H5''" . DC  B 2 11 ? -9.546  -8.846  -9.788  1.00 0.00 ? 23 DC  B "H5''" 1 
ATOM   706 H "H4'"  . DC  B 2 11 ? -7.896  -7.206  -7.984  1.00 0.00 ? 23 DC  B "H4'"  1 
ATOM   707 H "H3'"  . DC  B 2 11 ? -8.201  -7.029  -10.755 1.00 0.00 ? 23 DC  B "H3'"  1 
ATOM   708 H "H2'"  . DC  B 2 11 ? -7.090  -9.285  -11.034 1.00 0.00 ? 23 DC  B "H2'"  1 
ATOM   709 H "H2''" . DC  B 2 11 ? -5.777  -8.101  -11.178 1.00 0.00 ? 23 DC  B "H2''" 1 
ATOM   710 H "H1'"  . DC  B 2 11 ? -5.307  -8.292  -8.931  1.00 0.00 ? 23 DC  B "H1'"  1 
ATOM   711 H H41    . DC  B 2 11 ? -1.985  -13.408 -10.099 1.00 0.00 ? 23 DC  B H41    1 
ATOM   712 H H42    . DC  B 2 11 ? -3.117  -14.403 -9.499  1.00 0.00 ? 23 DC  B H42    1 
ATOM   713 H H5     . DC  B 2 11 ? -5.329  -13.600 -8.916  1.00 0.00 ? 23 DC  B H5     1 
ATOM   714 H H6     . DC  B 2 11 ? -6.777  -11.272 -8.696  1.00 0.00 ? 23 DC  B H6     1 
ATOM   715 P P      . DG  B 2 12 ? -6.713  -4.807  -9.265  1.00 0.00 ? 24 DG  B P      1 
ATOM   716 O OP1    . DG  B 2 12 ? -7.821  -4.910  -8.303  1.00 0.00 ? 24 DG  B OP1    1 
ATOM   717 O OP2    . DG  B 2 12 ? -6.759  -3.887  -10.400 1.00 0.00 ? 24 DG  B OP2    1 
ATOM   718 O "O5'"  . DG  B 2 12 ? -5.376  -4.514  -8.414  1.00 0.00 ? 24 DG  B "O5'"  1 
ATOM   719 C "C5'"  . DG  B 2 12 ? -4.657  -3.260  -8.394  1.00 0.00 ? 24 DG  B "C5'"  1 
ATOM   720 C "C4'"  . DG  B 2 12 ? -3.750  -3.040  -9.588  1.00 0.00 ? 24 DG  B "C4'"  1 
ATOM   721 O "O4'"  . DG  B 2 12 ? -3.259  -4.229  -10.194 1.00 0.00 ? 24 DG  B "O4'"  1 
ATOM   722 C "C3'"  . DG  B 2 12 ? -4.380  -2.248  -10.721 1.00 0.00 ? 24 DG  B "C3'"  1 
ATOM   723 O "O3'"  . DG  B 2 12 ? -3.942  -0.928  -10.707 1.00 0.00 ? 24 DG  B "O3'"  1 
ATOM   724 C "C2'"  . DG  B 2 12 ? -3.910  -2.888  -12.000 1.00 0.00 ? 24 DG  B "C2'"  1 
ATOM   725 C "C1'"  . DG  B 2 12 ? -3.120  -4.067  -11.608 1.00 0.00 ? 24 DG  B "C1'"  1 
ATOM   726 N N9     . DG  B 2 12 ? -3.549  -5.313  -12.226 1.00 0.00 ? 24 DG  B N9     1 
ATOM   727 C C8     . DG  B 2 12 ? -4.816  -5.840  -12.240 1.00 0.00 ? 24 DG  B C8     1 
ATOM   728 N N7     . DG  B 2 12 ? -4.909  -6.981  -12.823 1.00 0.00 ? 24 DG  B N7     1 
ATOM   729 C C5     . DG  B 2 12 ? -3.614  -7.245  -13.247 1.00 0.00 ? 24 DG  B C5     1 
ATOM   730 C C6     . DG  B 2 12 ? -3.073  -8.357  -13.942 1.00 0.00 ? 24 DG  B C6     1 
ATOM   731 O O6     . DG  B 2 12 ? -3.641  -9.353  -14.359 1.00 0.00 ? 24 DG  B O6     1 
ATOM   732 N N1     . DG  B 2 12 ? -1.734  -8.234  -14.156 1.00 0.00 ? 24 DG  B N1     1 
ATOM   733 C C2     . DG  B 2 12 ? -0.956  -7.191  -13.777 1.00 0.00 ? 24 DG  B C2     1 
ATOM   734 N N2     . DG  B 2 12 ? 0.315   -7.266  -14.054 1.00 0.00 ? 24 DG  B N2     1 
ATOM   735 N N3     . DG  B 2 12 ? -1.423  -6.128  -13.134 1.00 0.00 ? 24 DG  B N3     1 
ATOM   736 C C4     . DG  B 2 12 ? -2.762  -6.236  -12.893 1.00 0.00 ? 24 DG  B C4     1 
ATOM   737 H "H5'"  . DG  B 2 12 ? -4.039  -3.346  -7.524  1.00 0.00 ? 24 DG  B "H5'"  1 
ATOM   738 H "H5''" . DG  B 2 12 ? -5.362  -2.449  -8.350  1.00 0.00 ? 24 DG  B "H5''" 1 
ATOM   739 H "H4'"  . DG  B 2 12 ? -2.896  -2.469  -9.265  1.00 0.00 ? 24 DG  B "H4'"  1 
ATOM   740 H "H3'"  . DG  B 2 12 ? -5.438  -2.266  -10.567 1.00 0.00 ? 24 DG  B "H3'"  1 
ATOM   741 H "HO3'" . DG  B 2 12 ? -2.996  -0.949  -10.724 1.00 0.00 ? 24 DG  B "HO3'" 1 
ATOM   742 H "H2'"  . DG  B 2 12 ? -4.765  -3.200  -12.575 1.00 0.00 ? 24 DG  B "H2'"  1 
ATOM   743 H "H2''" . DG  B 2 12 ? -3.363  -2.163  -12.581 1.00 0.00 ? 24 DG  B "H2''" 1 
ATOM   744 H "H1'"  . DG  B 2 12 ? -2.091  -3.880  -11.883 1.00 0.00 ? 24 DG  B "H1'"  1 
ATOM   745 H H8     . DG  B 2 12 ? -5.649  -5.309  -11.791 1.00 0.00 ? 24 DG  B H8     1 
ATOM   746 H H1     . DG  B 2 12 ? -1.324  -9.006  -14.619 1.00 0.00 ? 24 DG  B H1     1 
ATOM   747 H H21    . DG  B 2 12 ? 0.701   -7.986  -14.663 1.00 0.00 ? 24 DG  B H21    1 
ATOM   748 H H22    . DG  B 2 12 ? 0.889   -6.558  -13.614 1.00 0.00 ? 24 DG  B H22    1 
# 
